data_8J30
#
_entry.id   8J30
#
_cell.length_a   79.409
_cell.length_b   95.011
_cell.length_c   175.974
_cell.angle_alpha   90.00
_cell.angle_beta   90.00
_cell.angle_gamma   90.00
#
_symmetry.space_group_name_H-M   'P 21 21 21'
#
loop_
_entity.id
_entity.type
_entity.pdbx_description
1 polymer 'UDP-glucose:protein N-beta-glucosyltransferase'
2 non-polymer "URIDINE-5'-DIPHOSPHATE-GLUCOSE"
3 non-polymer "URIDINE-5'-DIPHOSPHATE"
#
_entity_poly.entity_id   1
_entity_poly.type   'polypeptide(L)'
_entity_poly.pdbx_seq_one_letter_code
;MENENKPNVANFEAAVAAKDYEKACSELLLILSQLDSNFGGIHEIEFEYPAQLQDLEQEKIVYFCTRMATAITTLFSDPV
LEISDLGVQRFLVYQRWLALIFASSPFVNADHILQTYNREPNRKNSLEIHLDSSKSSLIKFCILYLPESNVNLNLDVMWN
ISPELCASLCFALQSPRFVGTSTAFNKRATILQWFPRHLDQLKNLNNIPSAISHDVYAHCSYDTSVNKHDVKRALNHVIR
RHIESEYGWKDRDVAHIGYRNNKPVMVVLLEHFHSAHSIYRTHSTSMIAAREHFYLIGLGSPSVDQAGQEVFDEFHLVAG
DNMKQKLEFIRSVCESNGAAIFYMPSIGMDMTTIFASNTRLAPIQAIALGHPATTHSDFIEYVIVEDDYVGSEECFSETL
LRLPKDALPYVPSALAPEKVDYLLRENPEVVNIGIASTTMKLNPYFLEALKAIRDRAKVKVHFHFALGASNGITHPYVER
FIKSYLGDSATAHPHSPYHQYLRILHNCDMMVNPFPFGNTNGIIDMVTLGLVGVCKTGAEVHEHIDEGLFKRLGLPEWLI
ANTVDEYVERAVRLAENHQERLELRRYIIENNGLNTLFTGDPRPMGQVFLEKLNAFLKENLEHHHHHH
;
_entity_poly.pdbx_strand_id   A,B
#
# COMPACT_ATOMS: atom_id res chain seq x y z
N MET A 1 -9.58 -3.01 51.41
CA MET A 1 -9.46 -2.56 52.79
C MET A 1 -8.18 -1.75 53.04
N GLU A 2 -7.06 -2.37 53.38
CA GLU A 2 -5.85 -1.58 53.55
C GLU A 2 -4.67 -2.32 52.95
N ASN A 3 -3.76 -1.57 52.34
CA ASN A 3 -2.68 -2.16 51.56
C ASN A 3 -3.22 -3.19 50.56
N GLU A 4 -4.48 -3.00 50.13
CA GLU A 4 -5.11 -3.89 49.16
C GLU A 4 -4.61 -3.65 47.75
N ASN A 5 -3.83 -2.60 47.55
CA ASN A 5 -3.15 -2.35 46.28
C ASN A 5 -1.65 -2.31 46.44
N LYS A 6 -1.10 -3.09 47.38
CA LYS A 6 0.35 -3.05 47.59
C LYS A 6 0.97 -4.33 47.05
N PRO A 7 1.91 -4.24 46.10
CA PRO A 7 2.44 -5.44 45.43
C PRO A 7 3.30 -6.28 46.37
N ASN A 8 2.91 -7.55 46.50
CA ASN A 8 3.46 -8.39 47.55
C ASN A 8 3.55 -9.81 47.02
N VAL A 9 4.77 -10.35 46.98
CA VAL A 9 4.96 -11.67 46.40
C VAL A 9 4.25 -12.73 47.23
N ALA A 10 4.36 -12.66 48.57
CA ALA A 10 3.73 -13.65 49.41
C ALA A 10 2.21 -13.69 49.23
N ASN A 11 1.57 -12.51 49.07
CA ASN A 11 0.13 -12.50 48.85
C ASN A 11 -0.24 -13.11 47.51
N PHE A 12 0.54 -12.83 46.46
CA PHE A 12 0.32 -13.47 45.18
C PHE A 12 0.42 -14.98 45.32
N GLU A 13 1.47 -15.45 46.00
CA GLU A 13 1.66 -16.89 46.21
C GLU A 13 0.54 -17.48 47.07
N ALA A 14 0.16 -16.79 48.15
CA ALA A 14 -0.95 -17.25 48.99
C ALA A 14 -2.25 -17.43 48.18
N ALA A 15 -2.58 -16.46 47.31
CA ALA A 15 -3.80 -16.57 46.53
C ALA A 15 -3.76 -17.72 45.54
N VAL A 16 -2.56 -18.06 45.06
CA VAL A 16 -2.41 -19.18 44.15
C VAL A 16 -2.66 -20.50 44.87
N ALA A 17 -1.92 -20.74 45.96
CA ALA A 17 -2.13 -21.92 46.79
C ALA A 17 -3.56 -22.04 47.27
N ALA A 18 -4.20 -20.91 47.58
CA ALA A 18 -5.58 -20.93 48.02
C ALA A 18 -6.56 -21.11 46.86
N LYS A 19 -6.07 -21.09 45.62
CA LYS A 19 -6.85 -21.23 44.41
C LYS A 19 -7.91 -20.15 44.28
N ASP A 20 -7.65 -18.97 44.86
CA ASP A 20 -8.53 -17.81 44.71
C ASP A 20 -8.07 -17.09 43.45
N TYR A 21 -8.51 -17.62 42.30
CA TYR A 21 -8.02 -17.14 41.02
C TYR A 21 -8.24 -15.65 40.81
N GLU A 22 -9.23 -15.05 41.48
CA GLU A 22 -9.44 -13.62 41.26
C GLU A 22 -8.40 -12.79 42.01
N LYS A 23 -8.18 -13.11 43.30
CA LYS A 23 -7.14 -12.43 44.05
C LYS A 23 -5.76 -12.72 43.45
N ALA A 24 -5.55 -13.97 43.03
CA ALA A 24 -4.29 -14.35 42.40
C ALA A 24 -3.98 -13.46 41.21
N CYS A 25 -4.91 -13.35 40.27
CA CYS A 25 -4.71 -12.47 39.13
C CYS A 25 -4.49 -11.03 39.56
N SER A 26 -5.36 -10.52 40.44
CA SER A 26 -5.28 -9.12 40.80
C SER A 26 -3.96 -8.81 41.53
N GLU A 27 -3.40 -9.77 42.26
CA GLU A 27 -2.10 -9.59 42.90
C GLU A 27 -0.97 -9.67 41.90
N LEU A 28 -1.07 -10.61 40.96
CA LEU A 28 -0.15 -10.67 39.83
C LEU A 28 -0.13 -9.34 39.08
N LEU A 29 -1.32 -8.83 38.73
CA LEU A 29 -1.41 -7.59 37.97
C LEU A 29 -0.89 -6.38 38.74
N LEU A 30 -0.92 -6.42 40.07
CA LEU A 30 -0.30 -5.36 40.87
C LEU A 30 1.21 -5.33 40.65
N ILE A 31 1.85 -6.48 40.85
CA ILE A 31 3.29 -6.65 40.65
C ILE A 31 3.69 -6.25 39.24
N LEU A 32 2.96 -6.78 38.24
CA LEU A 32 3.31 -6.46 36.85
C LEU A 32 3.27 -4.96 36.63
N SER A 33 2.20 -4.32 37.14
CA SER A 33 2.06 -2.87 37.11
C SER A 33 3.26 -2.16 37.72
N GLN A 34 3.72 -2.64 38.88
CA GLN A 34 4.85 -2.00 39.54
C GLN A 34 6.11 -2.15 38.70
N LEU A 35 6.29 -3.29 38.07
CA LEU A 35 7.46 -3.45 37.22
C LEU A 35 7.44 -2.49 36.04
N ASP A 36 6.22 -2.18 35.57
CA ASP A 36 6.05 -1.22 34.49
C ASP A 36 6.47 0.19 34.92
N SER A 37 5.92 0.66 36.04
CA SER A 37 6.26 1.97 36.59
C SER A 37 7.73 2.10 36.95
N ASN A 38 8.40 0.99 37.31
CA ASN A 38 9.79 1.04 37.75
C ASN A 38 10.75 0.56 36.67
N PHE A 39 10.26 0.38 35.44
CA PHE A 39 11.08 -0.01 34.29
C PHE A 39 11.89 -1.28 34.58
N GLY A 40 11.24 -2.24 35.23
CA GLY A 40 11.83 -3.51 35.58
C GLY A 40 12.36 -3.59 37.00
N GLY A 41 12.44 -2.45 37.69
CA GLY A 41 12.91 -2.45 39.06
C GLY A 41 11.97 -3.21 40.00
N ILE A 42 12.55 -4.02 40.87
CA ILE A 42 11.78 -4.82 41.81
C ILE A 42 11.69 -4.14 43.17
N HIS A 43 12.34 -3.00 43.36
CA HIS A 43 12.12 -2.22 44.55
C HIS A 43 10.70 -1.71 44.45
N GLU A 44 10.05 -1.51 45.60
CA GLU A 44 8.65 -1.12 45.75
C GLU A 44 7.75 -2.35 45.63
N ILE A 45 8.30 -3.54 45.41
CA ILE A 45 7.57 -4.79 45.41
C ILE A 45 8.05 -5.55 46.64
N GLU A 46 7.12 -5.98 47.47
CA GLU A 46 7.49 -6.53 48.77
C GLU A 46 7.80 -8.01 48.66
N PHE A 47 9.05 -8.37 48.98
CA PHE A 47 9.38 -9.78 49.15
C PHE A 47 10.58 -9.89 50.08
N GLU A 48 10.67 -11.04 50.74
CA GLU A 48 11.81 -11.45 51.55
C GLU A 48 12.60 -12.57 50.85
N TYR A 49 13.85 -12.73 51.27
CA TYR A 49 14.79 -13.60 50.58
C TYR A 49 15.73 -14.25 51.58
N PRO A 50 16.32 -15.39 51.24
CA PRO A 50 17.41 -15.94 52.05
C PRO A 50 18.50 -14.91 52.31
N ALA A 51 19.04 -14.95 53.53
CA ALA A 51 20.06 -13.97 53.94
C ALA A 51 21.24 -13.94 52.96
N GLN A 52 21.55 -15.07 52.33
CA GLN A 52 22.72 -15.18 51.47
C GLN A 52 22.68 -14.18 50.33
N LEU A 53 21.47 -13.76 49.93
CA LEU A 53 21.33 -12.93 48.75
C LEU A 53 21.23 -11.45 49.08
N GLN A 54 21.43 -11.10 50.37
CA GLN A 54 21.30 -9.73 50.84
C GLN A 54 22.01 -8.75 49.90
N ASP A 55 23.31 -8.99 49.69
CA ASP A 55 24.14 -8.06 48.93
C ASP A 55 24.40 -8.54 47.52
N LEU A 56 23.71 -9.58 47.06
CA LEU A 56 23.90 -10.12 45.72
C LEU A 56 22.65 -9.76 44.92
N GLU A 57 22.67 -8.58 44.29
CA GLU A 57 21.45 -8.03 43.73
C GLU A 57 20.99 -8.82 42.51
N GLN A 58 21.91 -9.13 41.59
CA GLN A 58 21.54 -9.93 40.43
C GLN A 58 20.88 -11.24 40.85
N GLU A 59 21.48 -11.94 41.81
CA GLU A 59 20.93 -13.20 42.28
C GLU A 59 19.61 -12.97 43.01
N LYS A 60 19.49 -11.85 43.73
CA LYS A 60 18.22 -11.50 44.36
C LYS A 60 17.15 -11.23 43.32
N ILE A 61 17.55 -10.68 42.16
CA ILE A 61 16.59 -10.43 41.09
C ILE A 61 16.17 -11.72 40.44
N VAL A 62 17.14 -12.59 40.15
CA VAL A 62 16.79 -13.88 39.55
C VAL A 62 15.90 -14.66 40.50
N TYR A 63 16.16 -14.55 41.81
CA TYR A 63 15.32 -15.20 42.79
C TYR A 63 13.88 -14.68 42.68
N PHE A 64 13.71 -13.36 42.61
CA PHE A 64 12.39 -12.78 42.41
C PHE A 64 11.73 -13.42 41.20
N CYS A 65 12.41 -13.36 40.05
CA CYS A 65 11.90 -13.88 38.78
C CYS A 65 11.51 -15.36 38.89
N THR A 66 12.36 -16.18 39.52
CA THR A 66 12.04 -17.61 39.63
C THR A 66 10.79 -17.85 40.48
N ARG A 67 10.69 -17.16 41.62
CA ARG A 67 9.54 -17.33 42.51
C ARG A 67 8.24 -16.94 41.80
N MET A 68 8.28 -15.86 41.02
CA MET A 68 7.12 -15.45 40.23
C MET A 68 6.83 -16.45 39.13
N ALA A 69 7.87 -16.89 38.41
CA ALA A 69 7.68 -17.85 37.33
C ALA A 69 7.00 -19.12 37.83
N THR A 70 7.40 -19.60 39.00
CA THR A 70 6.81 -20.85 39.50
C THR A 70 5.37 -20.65 39.94
N ALA A 71 5.04 -19.49 40.52
CA ALA A 71 3.66 -19.25 40.93
C ALA A 71 2.75 -18.98 39.73
N ILE A 72 3.23 -18.21 38.75
CA ILE A 72 2.51 -18.08 37.49
C ILE A 72 2.31 -19.44 36.84
N THR A 73 3.30 -20.33 36.96
CA THR A 73 3.17 -21.68 36.40
C THR A 73 1.98 -22.41 37.02
N THR A 74 1.96 -22.51 38.35
CA THR A 74 0.86 -23.15 39.07
C THR A 74 -0.49 -22.56 38.64
N LEU A 75 -0.59 -21.23 38.62
CA LEU A 75 -1.85 -20.56 38.32
C LEU A 75 -2.30 -20.87 36.91
N PHE A 76 -1.47 -20.56 35.92
CA PHE A 76 -1.94 -20.62 34.54
C PHE A 76 -2.05 -22.04 34.00
N SER A 77 -1.57 -23.04 34.74
CA SER A 77 -1.71 -24.41 34.25
C SER A 77 -3.00 -25.04 34.73
N ASP A 78 -3.57 -24.48 35.79
CA ASP A 78 -4.88 -24.81 36.30
C ASP A 78 -5.88 -24.58 35.19
N PRO A 79 -6.52 -25.62 34.66
CA PRO A 79 -7.49 -25.42 33.60
C PRO A 79 -8.75 -24.75 34.11
N VAL A 80 -8.91 -24.74 35.44
CA VAL A 80 -10.04 -24.08 36.08
C VAL A 80 -9.96 -22.57 35.88
N LEU A 81 -8.74 -22.05 35.75
CA LEU A 81 -8.49 -20.62 35.65
C LEU A 81 -9.19 -20.00 34.46
N GLU A 82 -9.98 -18.95 34.70
CA GLU A 82 -10.59 -18.16 33.64
C GLU A 82 -10.17 -16.70 33.79
N ILE A 83 -9.97 -16.03 32.66
CA ILE A 83 -9.53 -14.64 32.64
C ILE A 83 -10.56 -13.81 31.91
N SER A 84 -10.92 -12.66 32.47
CA SER A 84 -11.83 -11.73 31.82
C SER A 84 -11.18 -11.19 30.55
N ASP A 85 -11.99 -10.81 29.56
CA ASP A 85 -11.42 -10.16 28.38
C ASP A 85 -10.81 -8.84 28.78
N LEU A 86 -11.16 -8.37 29.97
CA LEU A 86 -10.54 -7.20 30.56
C LEU A 86 -9.20 -7.59 31.16
N GLY A 87 -9.11 -8.79 31.73
CA GLY A 87 -7.85 -9.25 32.25
C GLY A 87 -6.83 -9.48 31.15
N VAL A 88 -7.29 -10.01 30.01
CA VAL A 88 -6.42 -10.27 28.87
C VAL A 88 -5.82 -8.96 28.39
N GLN A 89 -6.62 -7.90 28.39
CA GLN A 89 -6.10 -6.60 28.00
C GLN A 89 -4.92 -6.23 28.87
N ARG A 90 -5.14 -6.07 30.16
CA ARG A 90 -4.07 -5.64 31.06
C ARG A 90 -2.91 -6.62 31.09
N PHE A 91 -3.21 -7.91 31.13
CA PHE A 91 -2.15 -8.92 31.19
C PHE A 91 -1.24 -8.81 29.97
N LEU A 92 -1.84 -8.58 28.80
CA LEU A 92 -1.05 -8.46 27.58
C LEU A 92 -0.12 -7.25 27.62
N VAL A 93 -0.60 -6.14 28.19
CA VAL A 93 0.25 -4.96 28.29
C VAL A 93 1.45 -5.25 29.17
N TYR A 94 1.28 -6.12 30.17
CA TYR A 94 2.38 -6.49 31.04
C TYR A 94 3.04 -7.79 30.58
N GLN A 95 2.66 -8.25 29.39
CA GLN A 95 3.22 -9.49 28.88
C GLN A 95 4.74 -9.37 28.81
N ARG A 96 5.24 -8.20 28.46
CA ARG A 96 6.69 -8.00 28.41
C ARG A 96 7.28 -8.20 29.79
N TRP A 97 6.64 -7.65 30.83
CA TRP A 97 7.11 -7.90 32.18
C TRP A 97 6.92 -9.37 32.59
N LEU A 98 5.86 -10.02 32.12
CA LEU A 98 5.82 -11.48 32.21
C LEU A 98 7.00 -12.09 31.47
N ALA A 99 7.36 -11.52 30.32
CA ALA A 99 8.41 -12.09 29.50
C ALA A 99 9.74 -12.02 30.23
N LEU A 100 10.05 -10.87 30.83
CA LEU A 100 11.29 -10.71 31.59
C LEU A 100 11.30 -11.55 32.85
N ILE A 101 10.12 -11.83 33.41
CA ILE A 101 10.05 -12.68 34.60
C ILE A 101 10.51 -14.09 34.26
N PHE A 102 10.10 -14.59 33.10
CA PHE A 102 10.47 -15.94 32.67
C PHE A 102 11.85 -15.96 32.02
N ALA A 103 12.24 -14.87 31.34
CA ALA A 103 13.50 -14.85 30.60
C ALA A 103 14.71 -14.65 31.50
N SER A 104 14.53 -13.96 32.64
CA SER A 104 15.60 -13.81 33.62
C SER A 104 15.59 -14.92 34.66
N SER A 105 14.56 -15.73 34.66
CA SER A 105 14.50 -16.96 35.44
C SER A 105 15.21 -18.08 34.70
N PRO A 106 15.55 -19.17 35.37
CA PRO A 106 16.20 -20.27 34.63
C PRO A 106 15.31 -20.84 33.55
N PHE A 107 14.00 -20.54 33.56
CA PHE A 107 13.04 -21.19 32.69
C PHE A 107 13.12 -20.73 31.23
N VAL A 108 13.62 -19.51 31.00
CA VAL A 108 13.68 -18.84 29.71
C VAL A 108 12.30 -18.35 29.26
N ASN A 109 11.31 -19.25 29.19
CA ASN A 109 10.02 -18.85 28.64
C ASN A 109 8.89 -19.53 29.40
N ALA A 110 7.69 -19.38 28.88
CA ALA A 110 6.49 -19.96 29.48
C ALA A 110 5.95 -21.13 28.67
N ASP A 111 6.81 -21.80 27.89
CA ASP A 111 6.34 -22.84 27.00
C ASP A 111 5.89 -24.07 27.78
N HIS A 112 6.47 -24.31 28.96
CA HIS A 112 6.05 -25.42 29.80
C HIS A 112 4.59 -25.26 30.25
N ILE A 113 4.12 -24.01 30.38
CA ILE A 113 2.73 -23.76 30.71
C ILE A 113 1.88 -23.85 29.46
N LEU A 114 2.48 -23.52 28.30
CA LEU A 114 1.78 -23.55 27.03
C LEU A 114 1.49 -24.97 26.58
N GLN A 115 2.33 -25.93 26.98
CA GLN A 115 2.16 -27.30 26.56
C GLN A 115 1.05 -28.01 27.33
N THR A 116 0.69 -27.51 28.51
CA THR A 116 -0.45 -28.05 29.26
C THR A 116 -1.76 -27.76 28.54
N TYR A 117 -1.79 -26.74 27.70
CA TYR A 117 -2.98 -26.30 26.96
C TYR A 117 -3.26 -27.20 25.78
N ASN A 118 -2.42 -28.21 25.57
CA ASN A 118 -2.55 -29.12 24.45
C ASN A 118 -3.27 -30.37 24.94
N ARG A 119 -4.45 -30.63 24.35
CA ARG A 119 -5.33 -31.75 24.65
C ARG A 119 -5.53 -32.58 23.39
N GLU A 120 -4.48 -32.68 22.56
CA GLU A 120 -4.48 -33.48 21.36
C GLU A 120 -3.24 -34.37 21.19
N PRO A 121 -2.63 -34.92 22.27
CA PRO A 121 -1.50 -35.82 21.96
C PRO A 121 -1.93 -37.16 21.34
N SER A 133 -8.56 -25.42 24.08
CA SER A 133 -9.86 -26.03 24.32
C SER A 133 -10.94 -24.98 24.50
N SER A 134 -10.61 -23.93 25.24
CA SER A 134 -11.59 -22.87 25.50
C SER A 134 -11.05 -21.53 25.06
N LYS A 135 -11.93 -20.54 24.92
CA LYS A 135 -11.48 -19.21 24.57
C LYS A 135 -10.46 -18.78 25.60
N SER A 136 -10.70 -19.14 26.86
CA SER A 136 -9.76 -18.80 27.92
C SER A 136 -8.43 -19.46 27.61
N SER A 137 -8.47 -20.71 27.18
CA SER A 137 -7.24 -21.43 26.86
C SER A 137 -6.45 -20.64 25.82
N LEU A 138 -7.13 -20.16 24.79
CA LEU A 138 -6.45 -19.35 23.78
C LEU A 138 -5.97 -18.06 24.39
N ILE A 139 -6.88 -17.31 25.01
CA ILE A 139 -6.50 -16.09 25.66
C ILE A 139 -5.31 -16.41 26.47
N LYS A 140 -5.38 -17.49 27.22
CA LYS A 140 -4.30 -17.86 28.11
C LYS A 140 -3.05 -18.22 27.33
N PHE A 141 -3.21 -18.88 26.19
CA PHE A 141 -2.10 -19.13 25.30
C PHE A 141 -1.44 -17.83 24.84
N CYS A 142 -2.24 -16.81 24.54
CA CYS A 142 -1.69 -15.56 24.02
C CYS A 142 -0.99 -14.76 25.10
N ILE A 143 -1.50 -14.84 26.33
CA ILE A 143 -0.87 -14.13 27.43
C ILE A 143 0.54 -14.63 27.66
N LEU A 144 0.78 -15.91 27.41
CA LEU A 144 2.06 -16.52 27.70
C LEU A 144 2.84 -16.86 26.44
N TYR A 145 2.39 -16.40 25.28
CA TYR A 145 3.17 -16.61 24.05
C TYR A 145 4.18 -15.49 23.98
N LEU A 146 5.28 -15.68 24.66
CA LEU A 146 6.25 -14.64 24.97
C LEU A 146 7.25 -14.52 23.83
N PRO A 147 7.98 -13.38 23.74
CA PRO A 147 8.97 -13.23 22.67
C PRO A 147 9.99 -14.36 22.57
N GLU A 148 10.22 -15.08 23.67
CA GLU A 148 11.21 -16.14 23.73
C GLU A 148 10.59 -17.50 23.54
N SER A 149 9.32 -17.55 23.14
CA SER A 149 8.63 -18.81 22.91
C SER A 149 9.21 -19.53 21.71
N ASN A 150 9.34 -20.86 21.83
CA ASN A 150 9.73 -21.68 20.69
C ASN A 150 8.52 -22.36 20.07
N VAL A 151 7.34 -22.18 20.67
CA VAL A 151 6.08 -22.67 20.14
C VAL A 151 5.76 -21.94 18.84
N ASN A 152 5.23 -22.69 17.87
CA ASN A 152 4.84 -22.06 16.62
C ASN A 152 3.42 -21.50 16.72
N LEU A 153 3.15 -20.53 15.87
CA LEU A 153 1.88 -19.84 15.84
C LEU A 153 1.65 -19.36 14.42
N ASN A 154 0.44 -19.63 13.89
CA ASN A 154 0.03 -19.10 12.61
C ASN A 154 -0.78 -17.84 12.87
N LEU A 155 -0.30 -16.70 12.38
CA LEU A 155 -0.95 -15.43 12.67
C LEU A 155 -2.18 -15.21 11.80
N ASP A 156 -2.15 -15.72 10.57
CA ASP A 156 -3.31 -15.66 9.71
C ASP A 156 -4.47 -16.46 10.30
N VAL A 157 -4.20 -17.67 10.79
CA VAL A 157 -5.24 -18.44 11.46
C VAL A 157 -5.77 -17.68 12.67
N MET A 158 -4.88 -17.02 13.41
CA MET A 158 -5.30 -16.28 14.59
C MET A 158 -6.15 -15.08 14.20
N TRP A 159 -5.79 -14.42 13.09
CA TRP A 159 -6.55 -13.25 12.64
C TRP A 159 -8.00 -13.61 12.31
N ASN A 160 -8.24 -14.75 11.62
CA ASN A 160 -9.60 -15.28 11.56
C ASN A 160 -10.21 -15.49 12.90
N ILE A 161 -9.58 -16.29 13.75
CA ILE A 161 -10.26 -16.67 14.96
C ILE A 161 -10.66 -15.42 15.73
N SER A 162 -9.71 -14.52 15.94
CA SER A 162 -10.01 -13.25 16.61
C SER A 162 -9.14 -12.13 16.06
N PRO A 163 -9.67 -11.23 15.23
CA PRO A 163 -8.81 -10.16 14.70
C PRO A 163 -8.27 -9.25 15.78
N GLU A 164 -9.05 -8.96 16.81
CA GLU A 164 -8.62 -8.03 17.84
C GLU A 164 -7.64 -8.66 18.83
N LEU A 165 -7.82 -9.95 19.15
CA LEU A 165 -6.88 -10.64 20.02
C LEU A 165 -5.52 -10.77 19.36
N CYS A 166 -5.49 -11.16 18.09
CA CYS A 166 -4.23 -11.24 17.35
C CYS A 166 -3.48 -9.90 17.39
N ALA A 167 -4.17 -8.81 17.05
CA ALA A 167 -3.55 -7.49 17.10
C ALA A 167 -3.04 -7.18 18.50
N SER A 168 -3.80 -7.58 19.52
CA SER A 168 -3.42 -7.34 20.91
C SER A 168 -2.10 -8.03 21.26
N LEU A 169 -1.86 -9.23 20.74
CA LEU A 169 -0.58 -9.91 20.88
C LEU A 169 0.52 -9.28 20.01
N CYS A 170 0.26 -8.98 18.73
CA CYS A 170 1.28 -8.36 17.89
C CYS A 170 1.77 -7.05 18.49
N PHE A 171 0.86 -6.35 19.15
CA PHE A 171 1.23 -5.14 19.90
C PHE A 171 2.17 -5.48 21.03
N ALA A 172 1.87 -6.55 21.77
CA ALA A 172 2.65 -6.94 22.94
C ALA A 172 4.02 -7.51 22.58
N LEU A 173 4.16 -8.06 21.38
CA LEU A 173 5.44 -8.59 20.95
C LEU A 173 6.30 -7.52 20.30
N GLN A 174 5.78 -6.29 20.25
CA GLN A 174 6.44 -5.09 19.75
C GLN A 174 6.79 -4.11 20.86
N SER A 175 6.26 -4.32 22.08
CA SER A 175 6.42 -3.51 23.27
C SER A 175 7.75 -3.74 24.00
N PRO A 176 8.38 -4.91 23.94
CA PRO A 176 9.63 -5.07 24.71
C PRO A 176 10.70 -4.10 24.21
N ARG A 177 11.41 -3.49 25.16
CA ARG A 177 12.48 -2.56 24.79
C ARG A 177 13.68 -3.33 24.26
N PHE A 178 14.03 -4.42 24.94
CA PHE A 178 15.13 -5.25 24.48
C PHE A 178 14.61 -6.52 23.82
N VAL A 179 14.87 -6.70 22.53
CA VAL A 179 14.46 -7.91 21.83
C VAL A 179 15.63 -8.48 21.05
N GLY A 180 16.84 -8.32 21.58
CA GLY A 180 18.03 -8.77 20.88
C GLY A 180 18.17 -10.23 20.53
N THR A 181 17.38 -11.11 21.16
CA THR A 181 17.59 -12.53 20.89
C THR A 181 17.05 -12.85 19.51
N SER A 182 17.75 -13.75 18.81
CA SER A 182 17.25 -14.20 17.52
C SER A 182 15.78 -14.58 17.62
N THR A 183 15.41 -15.29 18.69
CA THR A 183 14.04 -15.77 18.85
C THR A 183 13.05 -14.60 18.94
N ALA A 184 13.44 -13.55 19.66
CA ALA A 184 12.54 -12.41 19.87
C ALA A 184 12.61 -11.45 18.68
N PHE A 185 13.82 -11.24 18.14
CA PHE A 185 13.98 -10.33 17.00
C PHE A 185 13.22 -10.87 15.80
N ASN A 186 13.20 -12.20 15.63
CA ASN A 186 12.50 -12.80 14.50
C ASN A 186 11.00 -12.58 14.61
N LYS A 187 10.43 -12.78 15.81
CA LYS A 187 9.00 -12.56 16.01
C LYS A 187 8.63 -11.12 15.68
N ARG A 188 9.43 -10.17 16.14
CA ARG A 188 9.12 -8.78 15.89
C ARG A 188 9.32 -8.43 14.42
N ALA A 189 10.34 -9.01 13.77
CA ALA A 189 10.54 -8.75 12.35
C ALA A 189 9.39 -9.33 11.54
N THR A 190 8.94 -10.53 11.91
CA THR A 190 7.82 -11.14 11.21
C THR A 190 6.57 -10.31 11.41
N ILE A 191 6.30 -9.92 12.66
CA ILE A 191 5.16 -9.07 12.94
C ILE A 191 5.23 -7.76 12.16
N LEU A 192 6.45 -7.24 11.95
CA LEU A 192 6.56 -5.95 11.29
C LEU A 192 6.24 -6.05 9.81
N GLN A 193 6.34 -7.24 9.25
CA GLN A 193 5.98 -7.49 7.86
C GLN A 193 4.50 -7.85 7.73
N TRP A 194 4.03 -8.73 8.61
CA TRP A 194 2.68 -9.26 8.54
C TRP A 194 1.64 -8.28 9.07
N PHE A 195 1.88 -7.71 10.25
CA PHE A 195 0.85 -7.00 11.01
C PHE A 195 0.34 -5.72 10.34
N PRO A 196 1.17 -4.92 9.60
CA PRO A 196 0.65 -3.66 9.07
C PRO A 196 -0.66 -3.79 8.30
N ARG A 197 -0.72 -4.71 7.33
CA ARG A 197 -1.90 -4.82 6.49
C ARG A 197 -3.12 -5.24 7.31
N HIS A 198 -2.91 -5.90 8.45
CA HIS A 198 -4.03 -6.29 9.28
C HIS A 198 -4.44 -5.18 10.23
N LEU A 199 -3.48 -4.45 10.80
CA LEU A 199 -3.82 -3.33 11.66
C LEU A 199 -4.63 -2.29 10.89
N ASP A 200 -4.28 -2.05 9.62
CA ASP A 200 -4.99 -1.09 8.78
C ASP A 200 -6.48 -1.37 8.73
N GLN A 201 -6.88 -2.64 8.92
CA GLN A 201 -8.28 -3.05 8.83
C GLN A 201 -9.15 -2.63 10.01
N LEU A 202 -8.57 -2.38 11.19
CA LEU A 202 -9.35 -2.02 12.36
C LEU A 202 -9.90 -0.59 12.25
N LYS A 203 -10.95 -0.31 13.04
CA LYS A 203 -11.61 0.98 12.97
C LYS A 203 -11.35 1.85 14.19
N ASN A 204 -10.92 1.27 15.31
CA ASN A 204 -10.66 2.03 16.52
C ASN A 204 -9.70 1.24 17.41
N LEU A 205 -9.23 1.90 18.47
CA LEU A 205 -8.31 1.31 19.41
C LEU A 205 -8.99 0.78 20.68
N ASN A 206 -10.25 0.38 20.61
CA ASN A 206 -11.02 0.13 21.81
C ASN A 206 -10.80 -1.25 22.39
N ASN A 207 -10.35 -2.22 21.58
CA ASN A 207 -10.18 -3.59 22.05
C ASN A 207 -8.77 -4.08 21.81
N ILE A 208 -7.81 -3.16 21.77
CA ILE A 208 -6.40 -3.50 21.60
C ILE A 208 -5.61 -2.77 22.67
N PRO A 209 -4.37 -3.21 22.97
CA PRO A 209 -3.59 -2.60 24.04
C PRO A 209 -3.10 -1.19 23.67
N SER A 210 -3.99 -0.21 23.86
CA SER A 210 -3.77 1.17 23.44
C SER A 210 -2.48 1.74 24.03
N ALA A 211 -2.28 1.47 25.30
CA ALA A 211 -1.27 2.10 26.12
C ALA A 211 0.14 1.83 25.65
N ILE A 212 0.34 0.80 24.83
CA ILE A 212 1.66 0.50 24.32
C ILE A 212 1.67 0.83 22.82
N SER A 213 0.80 1.72 22.39
CA SER A 213 0.79 2.12 20.98
C SER A 213 2.07 2.85 20.63
N HIS A 214 2.48 3.79 21.47
CA HIS A 214 3.70 4.55 21.21
C HIS A 214 4.89 3.62 21.11
N ASP A 215 4.99 2.66 22.02
CA ASP A 215 6.07 1.69 21.96
C ASP A 215 6.06 1.05 20.60
N VAL A 216 4.90 0.53 20.21
CA VAL A 216 4.77 -0.11 18.89
C VAL A 216 5.25 0.83 17.81
N TYR A 217 4.94 2.13 17.96
CA TYR A 217 5.23 3.14 16.96
C TYR A 217 6.72 3.47 16.88
N ALA A 218 7.45 3.38 17.99
CA ALA A 218 8.84 3.79 17.97
C ALA A 218 9.78 2.60 17.87
N HIS A 219 9.44 1.49 18.50
CA HIS A 219 10.35 0.34 18.53
C HIS A 219 10.52 -0.27 17.16
N CYS A 220 9.68 0.07 16.19
CA CYS A 220 9.84 -0.50 14.85
C CYS A 220 11.16 -0.05 14.23
N SER A 221 11.70 1.11 14.65
CA SER A 221 12.91 1.66 14.05
C SER A 221 14.16 0.87 14.42
N TYR A 222 14.04 -0.13 15.28
CA TYR A 222 15.19 -0.92 15.72
C TYR A 222 15.30 -2.23 14.99
N ASP A 223 14.44 -2.47 14.01
CA ASP A 223 14.52 -3.61 13.10
C ASP A 223 15.46 -3.29 11.94
N THR A 224 15.87 -4.33 11.21
CA THR A 224 16.79 -4.12 10.10
C THR A 224 16.09 -4.06 8.74
N SER A 225 14.78 -4.24 8.68
CA SER A 225 14.11 -4.31 7.39
C SER A 225 13.95 -2.93 6.79
N VAL A 226 13.90 -2.87 5.46
CA VAL A 226 13.80 -1.58 4.82
C VAL A 226 12.42 -0.98 5.03
N ASN A 227 11.40 -1.82 5.16
CA ASN A 227 10.04 -1.31 5.34
C ASN A 227 9.59 -1.35 6.80
N LYS A 228 10.54 -1.41 7.74
CA LYS A 228 10.28 -1.55 9.16
C LYS A 228 9.28 -0.53 9.70
N HIS A 229 9.17 0.60 9.02
CA HIS A 229 8.30 1.66 9.48
C HIS A 229 6.86 1.53 8.99
N ASP A 230 6.57 0.51 8.16
CA ASP A 230 5.22 0.33 7.63
C ASP A 230 4.15 0.41 8.71
N VAL A 231 4.37 -0.26 9.84
CA VAL A 231 3.34 -0.38 10.86
C VAL A 231 2.86 1.00 11.35
N LYS A 232 3.64 2.05 11.08
CA LYS A 232 3.31 3.39 11.57
C LYS A 232 2.15 4.00 10.78
N ARG A 233 2.14 3.83 9.46
CA ARG A 233 1.02 4.31 8.65
C ARG A 233 -0.30 3.69 9.11
N ALA A 234 -0.34 2.36 9.23
CA ALA A 234 -1.57 1.70 9.65
C ALA A 234 -2.03 2.24 10.99
N LEU A 235 -1.11 2.38 11.96
CA LEU A 235 -1.48 2.88 13.28
C LEU A 235 -2.04 4.28 13.16
N ASN A 236 -1.43 5.09 12.29
CA ASN A 236 -1.90 6.44 12.04
C ASN A 236 -3.36 6.43 11.57
N HIS A 237 -3.66 5.60 10.57
CA HIS A 237 -5.03 5.48 10.06
C HIS A 237 -6.02 5.16 11.17
N VAL A 238 -5.71 4.15 11.99
CA VAL A 238 -6.61 3.74 13.06
C VAL A 238 -6.79 4.87 14.07
N ILE A 239 -5.67 5.45 14.51
CA ILE A 239 -5.73 6.65 15.35
C ILE A 239 -6.61 7.73 14.72
N ARG A 240 -6.40 7.99 13.43
CA ARG A 240 -7.25 8.95 12.72
C ARG A 240 -8.71 8.54 12.76
N ARG A 241 -9.00 7.26 12.49
CA ARG A 241 -10.37 6.78 12.60
C ARG A 241 -10.87 6.88 14.05
N HIS A 242 -10.00 6.67 15.03
CA HIS A 242 -10.39 6.72 16.43
C HIS A 242 -10.78 8.13 16.86
N ILE A 243 -9.95 9.11 16.51
CA ILE A 243 -10.20 10.47 16.96
C ILE A 243 -11.45 11.05 16.30
N GLU A 244 -11.70 10.69 15.04
CA GLU A 244 -12.94 11.12 14.39
C GLU A 244 -14.16 10.48 15.04
N SER A 245 -14.09 9.17 15.29
CA SER A 245 -15.27 8.41 15.70
C SER A 245 -15.55 8.51 17.20
N GLU A 246 -14.51 8.48 18.04
CA GLU A 246 -14.65 8.46 19.49
C GLU A 246 -14.52 9.84 20.13
N TYR A 247 -13.72 10.72 19.53
CA TYR A 247 -13.52 12.06 20.06
C TYR A 247 -14.33 13.12 19.32
N GLY A 248 -14.90 12.79 18.16
CA GLY A 248 -15.58 13.76 17.34
C GLY A 248 -14.65 14.82 16.81
N TRP A 249 -13.44 14.43 16.47
CA TRP A 249 -12.45 15.38 16.01
C TRP A 249 -12.87 16.02 14.69
N LYS A 250 -12.89 17.36 14.67
CA LYS A 250 -12.97 18.16 13.45
C LYS A 250 -11.68 18.95 13.33
N ASP A 251 -11.02 18.85 12.18
CA ASP A 251 -9.79 19.59 11.92
C ASP A 251 -10.05 21.10 11.89
N ARG A 252 -8.96 21.87 11.93
CA ARG A 252 -8.97 23.33 11.91
C ARG A 252 -9.04 23.91 10.50
N ASP A 253 -9.68 25.08 10.40
CA ASP A 253 -9.55 25.95 9.23
C ASP A 253 -8.12 26.46 9.19
N VAL A 254 -7.33 25.99 8.22
CA VAL A 254 -5.93 26.37 8.21
C VAL A 254 -5.78 27.37 7.09
N ALA A 255 -6.92 27.90 6.62
CA ALA A 255 -6.89 28.86 5.52
C ALA A 255 -6.26 30.18 5.94
N HIS A 256 -6.72 30.77 7.04
CA HIS A 256 -6.24 32.07 7.49
C HIS A 256 -5.43 31.94 8.78
N ILE A 257 -4.24 32.54 8.80
CA ILE A 257 -3.39 32.54 9.99
C ILE A 257 -3.56 33.84 10.79
N GLY A 258 -3.01 33.84 12.02
CA GLY A 258 -3.06 35.00 12.88
C GLY A 258 -1.65 35.41 13.32
N TYR A 259 -1.61 36.51 14.07
CA TYR A 259 -0.34 37.17 14.37
C TYR A 259 -0.24 37.57 15.82
N ARG A 260 0.95 37.40 16.41
CA ARG A 260 1.24 37.86 17.77
C ARG A 260 2.56 38.61 17.73
N ASN A 261 2.58 39.80 18.36
CA ASN A 261 3.70 40.74 18.22
C ASN A 261 4.04 40.93 16.75
N ASN A 262 3.00 40.93 15.90
CA ASN A 262 3.09 41.12 14.45
C ASN A 262 3.97 40.08 13.77
N LYS A 263 4.06 38.87 14.34
CA LYS A 263 4.77 37.75 13.76
C LYS A 263 3.84 36.54 13.72
N PRO A 264 3.95 35.69 12.70
CA PRO A 264 3.13 34.46 12.67
C PRO A 264 3.49 33.53 13.81
N VAL A 265 2.50 32.75 14.24
CA VAL A 265 2.60 31.97 15.47
C VAL A 265 3.05 30.55 15.17
N MET A 266 4.13 30.13 15.82
CA MET A 266 4.56 28.73 15.87
C MET A 266 4.07 28.09 17.17
N VAL A 267 3.26 27.05 17.06
CA VAL A 267 2.89 26.23 18.20
C VAL A 267 3.73 24.96 18.19
N VAL A 268 4.46 24.72 19.28
CA VAL A 268 5.39 23.59 19.44
C VAL A 268 4.83 22.62 20.46
N LEU A 269 4.46 21.41 20.03
CA LEU A 269 4.13 20.34 20.99
C LEU A 269 5.40 19.62 21.44
N LEU A 270 5.59 19.53 22.76
CA LEU A 270 6.84 19.03 23.32
C LEU A 270 6.74 17.60 23.81
N GLU A 271 7.89 16.94 23.89
CA GLU A 271 8.01 15.54 24.24
C GLU A 271 9.39 15.33 24.86
N HIS A 272 9.44 14.96 26.15
CA HIS A 272 10.70 14.72 26.85
C HIS A 272 11.68 15.87 26.62
N PHE A 273 11.21 17.08 26.91
CA PHE A 273 12.01 18.28 26.69
C PHE A 273 12.56 18.92 27.95
N HIS A 274 13.29 18.15 28.75
CA HIS A 274 13.94 18.70 29.93
C HIS A 274 15.33 19.15 29.52
N SER A 275 15.84 20.20 30.19
CA SER A 275 17.12 20.77 29.78
C SER A 275 18.31 19.86 30.07
N ALA A 276 18.09 18.75 30.76
CA ALA A 276 19.17 17.80 31.00
C ALA A 276 19.03 16.64 30.04
N HIS A 277 18.52 16.91 28.84
CA HIS A 277 18.28 15.84 27.87
C HIS A 277 18.77 16.19 26.47
N SER A 278 19.10 15.18 25.68
CA SER A 278 19.61 15.42 24.33
C SER A 278 18.60 16.16 23.47
N ILE A 279 17.33 15.79 23.56
CA ILE A 279 16.31 16.44 22.75
C ILE A 279 16.44 17.94 22.87
N TYR A 280 16.48 18.43 24.11
CA TYR A 280 16.65 19.85 24.34
C TYR A 280 18.02 20.27 23.83
N ARG A 281 19.05 19.55 24.25
CA ARG A 281 20.41 19.87 23.85
C ARG A 281 20.54 19.94 22.33
N THR A 282 19.77 19.15 21.59
CA THR A 282 19.89 19.12 20.13
C THR A 282 18.97 20.08 19.39
N HIS A 283 17.79 20.42 19.94
CA HIS A 283 16.81 21.22 19.21
C HIS A 283 16.40 22.53 19.87
N SER A 284 16.98 22.92 21.01
CA SER A 284 16.53 24.16 21.65
C SER A 284 17.04 25.41 20.93
N THR A 285 18.32 25.39 20.54
CA THR A 285 18.91 26.50 19.82
C THR A 285 18.14 26.80 18.53
N SER A 286 17.66 25.75 17.86
CA SER A 286 16.96 25.92 16.60
C SER A 286 15.63 26.64 16.77
N MET A 287 14.98 26.43 17.93
CA MET A 287 13.69 27.03 18.25
C MET A 287 13.84 28.41 18.88
N ILE A 288 14.92 28.64 19.63
CA ILE A 288 15.15 29.94 20.24
C ILE A 288 15.35 30.99 19.15
N ALA A 289 16.08 30.64 18.09
CA ALA A 289 16.33 31.53 16.96
C ALA A 289 15.15 31.67 16.01
N ALA A 290 14.28 30.67 15.94
CA ALA A 290 13.09 30.79 15.09
C ALA A 290 12.18 31.92 15.58
N ARG A 291 12.48 32.49 16.75
CA ARG A 291 11.72 33.58 17.33
C ARG A 291 12.06 34.89 16.67
N GLU A 292 13.07 34.92 15.80
CA GLU A 292 13.32 36.10 14.99
C GLU A 292 12.17 36.38 14.06
N HIS A 293 11.46 35.35 13.63
CA HIS A 293 10.40 35.48 12.66
C HIS A 293 9.05 34.97 13.16
N PHE A 294 9.01 34.28 14.29
CA PHE A 294 7.77 33.68 14.79
C PHE A 294 7.60 33.97 16.27
N TYR A 295 6.32 34.01 16.67
CA TYR A 295 5.95 33.89 18.08
C TYR A 295 5.85 32.41 18.43
N LEU A 296 6.61 31.96 19.43
CA LEU A 296 6.65 30.55 19.79
C LEU A 296 5.83 30.31 21.06
N ILE A 297 4.74 29.54 20.92
CA ILE A 297 3.96 29.05 22.04
C ILE A 297 4.30 27.57 22.29
N GLY A 298 4.92 27.26 23.42
CA GLY A 298 5.26 25.89 23.77
C GLY A 298 4.18 25.18 24.60
N LEU A 299 3.81 23.99 24.13
CA LEU A 299 2.91 23.09 24.86
C LEU A 299 3.66 21.86 25.34
N GLY A 300 3.62 21.60 26.65
CA GLY A 300 4.36 20.48 27.18
C GLY A 300 3.81 20.00 28.52
N SER A 301 4.54 19.06 29.13
CA SER A 301 4.18 18.54 30.45
C SER A 301 4.94 19.30 31.51
N PRO A 302 4.62 19.14 32.80
CA PRO A 302 5.44 19.79 33.84
C PRO A 302 6.85 19.27 33.89
N SER A 303 7.18 18.25 33.10
CA SER A 303 8.52 17.69 33.06
C SER A 303 9.50 18.72 32.52
N VAL A 304 9.03 19.57 31.61
CA VAL A 304 9.83 20.63 31.03
C VAL A 304 10.19 21.61 32.15
N ASP A 305 11.47 21.84 32.35
CA ASP A 305 11.95 22.71 33.42
C ASP A 305 11.95 24.15 32.91
N GLN A 306 12.39 25.07 33.76
CA GLN A 306 12.34 26.48 33.41
C GLN A 306 13.14 26.76 32.15
N ALA A 307 14.36 26.20 32.08
CA ALA A 307 15.19 26.37 30.88
C ALA A 307 14.45 25.92 29.64
N GLY A 308 13.71 24.80 29.74
CA GLY A 308 13.01 24.30 28.58
C GLY A 308 11.84 25.19 28.17
N GLN A 309 11.21 25.83 29.16
CA GLN A 309 10.11 26.76 28.88
C GLN A 309 10.63 28.08 28.34
N GLU A 310 11.85 28.47 28.72
CA GLU A 310 12.40 29.76 28.29
C GLU A 310 12.73 29.75 26.81
N VAL A 311 12.74 28.59 26.18
CA VAL A 311 12.88 28.50 24.73
C VAL A 311 11.76 29.29 24.03
N PHE A 312 10.57 29.29 24.60
CA PHE A 312 9.37 29.79 23.94
C PHE A 312 8.97 31.17 24.47
N ASP A 313 8.36 31.98 23.59
CA ASP A 313 7.77 33.24 24.05
C ASP A 313 6.72 33.00 25.12
N GLU A 314 5.95 31.92 24.98
CA GLU A 314 4.86 31.53 25.87
C GLU A 314 4.90 30.02 26.08
N PHE A 315 4.69 29.55 27.33
CA PHE A 315 4.63 28.11 27.61
C PHE A 315 3.38 27.77 28.38
N HIS A 316 2.66 26.74 27.91
CA HIS A 316 1.45 26.24 28.56
C HIS A 316 1.50 24.73 28.72
N LEU A 317 0.93 24.24 29.83
CA LEU A 317 0.80 22.80 30.07
C LEU A 317 -0.37 22.23 29.29
N VAL A 318 -0.14 21.07 28.67
CA VAL A 318 -1.17 20.37 27.88
C VAL A 318 -2.22 19.82 28.85
N ALA A 319 -3.43 20.37 28.80
CA ALA A 319 -4.42 20.08 29.82
C ALA A 319 -5.47 19.10 29.32
N GLY A 320 -5.95 18.26 30.24
CA GLY A 320 -6.96 17.26 29.91
C GLY A 320 -6.65 15.98 30.64
N ASP A 321 -7.63 15.09 30.81
CA ASP A 321 -7.32 13.79 31.42
C ASP A 321 -7.25 12.66 30.42
N ASN A 322 -7.66 12.89 29.18
CA ASN A 322 -7.62 11.89 28.13
C ASN A 322 -7.11 12.59 26.89
N MET A 323 -6.76 11.80 25.88
CA MET A 323 -6.26 12.37 24.66
C MET A 323 -7.27 13.34 24.05
N LYS A 324 -8.56 13.06 24.22
CA LYS A 324 -9.60 13.92 23.68
C LYS A 324 -9.48 15.36 24.19
N GLN A 325 -9.49 15.54 25.51
CA GLN A 325 -9.37 16.88 26.06
C GLN A 325 -8.02 17.51 25.72
N LYS A 326 -6.95 16.71 25.73
CA LYS A 326 -5.63 17.26 25.43
C LYS A 326 -5.56 17.72 23.98
N LEU A 327 -6.11 16.90 23.06
CA LEU A 327 -6.16 17.31 21.66
C LEU A 327 -7.04 18.54 21.47
N GLU A 328 -8.05 18.71 22.33
CA GLU A 328 -8.88 19.90 22.27
C GLU A 328 -8.12 21.11 22.77
N PHE A 329 -7.22 20.92 23.75
CA PHE A 329 -6.40 22.04 24.21
C PHE A 329 -5.45 22.49 23.12
N ILE A 330 -4.73 21.54 22.51
CA ILE A 330 -3.79 21.89 21.45
C ILE A 330 -4.51 22.60 20.32
N ARG A 331 -5.73 22.15 20.00
CA ARG A 331 -6.55 22.81 18.99
C ARG A 331 -6.93 24.22 19.43
N SER A 332 -7.48 24.36 20.66
CA SER A 332 -7.97 25.65 21.12
C SER A 332 -6.86 26.69 21.11
N VAL A 333 -5.64 26.25 21.41
CA VAL A 333 -4.51 27.17 21.37
C VAL A 333 -4.21 27.56 19.94
N CYS A 334 -4.02 26.57 19.08
CA CYS A 334 -3.73 26.85 17.67
C CYS A 334 -4.85 27.68 17.07
N GLU A 335 -6.09 27.33 17.39
CA GLU A 335 -7.23 28.07 16.87
C GLU A 335 -7.22 29.52 17.36
N SER A 336 -6.98 29.70 18.65
CA SER A 336 -6.96 31.04 19.22
C SER A 336 -5.86 31.89 18.63
N ASN A 337 -4.69 31.28 18.42
CA ASN A 337 -3.56 32.03 17.89
C ASN A 337 -3.44 31.91 16.38
N GLY A 338 -4.37 31.19 15.76
CA GLY A 338 -4.30 30.99 14.32
C GLY A 338 -2.90 30.54 13.96
N ALA A 339 -2.38 29.56 14.69
CA ALA A 339 -1.02 29.09 14.45
C ALA A 339 -0.81 28.72 13.00
N ALA A 340 0.30 29.16 12.43
CA ALA A 340 0.61 28.83 11.04
C ALA A 340 1.54 27.64 10.98
N ILE A 341 2.31 27.43 12.05
CA ILE A 341 3.25 26.31 12.07
C ILE A 341 2.89 25.44 13.26
N PHE A 342 2.70 24.14 13.04
CA PHE A 342 2.65 23.17 14.13
C PHE A 342 3.92 22.33 14.10
N TYR A 343 4.73 22.40 15.16
CA TYR A 343 6.07 21.82 15.15
C TYR A 343 6.27 20.89 16.34
N MET A 344 6.65 19.64 16.07
CA MET A 344 7.05 18.71 17.13
C MET A 344 8.51 18.32 16.95
N PRO A 345 9.41 18.71 17.86
CA PRO A 345 10.81 18.29 17.73
C PRO A 345 11.00 16.79 17.88
N SER A 346 10.12 16.12 18.61
CA SER A 346 10.20 14.68 18.84
C SER A 346 8.81 14.07 18.71
N ILE A 347 8.69 13.03 17.88
CA ILE A 347 7.43 12.32 17.63
C ILE A 347 7.63 10.83 17.89
N GLY A 348 6.88 10.27 18.83
CA GLY A 348 6.87 8.84 19.08
C GLY A 348 7.06 8.42 20.53
N MET A 349 7.66 9.30 21.35
CA MET A 349 7.92 8.96 22.75
C MET A 349 6.64 9.05 23.58
N ASP A 350 5.79 10.02 23.29
CA ASP A 350 4.53 10.21 23.99
C ASP A 350 3.42 10.11 22.95
N MET A 351 2.31 9.45 23.32
CA MET A 351 1.24 9.27 22.35
C MET A 351 0.64 10.60 21.93
N THR A 352 0.57 11.56 22.86
CA THR A 352 0.02 12.89 22.57
C THR A 352 0.50 13.42 21.23
N THR A 353 1.82 13.38 20.98
CA THR A 353 2.32 13.83 19.68
C THR A 353 1.81 12.94 18.56
N ILE A 354 1.83 11.61 18.75
CA ILE A 354 1.43 10.71 17.68
C ILE A 354 -0.02 10.95 17.27
N PHE A 355 -0.90 11.15 18.24
CA PHE A 355 -2.29 11.46 17.92
C PHE A 355 -2.39 12.81 17.23
N ALA A 356 -1.82 13.85 17.84
CA ALA A 356 -1.79 15.16 17.22
C ALA A 356 -1.17 15.14 15.82
N SER A 357 -0.29 14.17 15.55
CA SER A 357 0.30 14.09 14.22
C SER A 357 -0.75 13.71 13.17
N ASN A 358 -1.89 13.16 13.60
CA ASN A 358 -2.95 12.73 12.68
C ASN A 358 -4.12 13.70 12.65
N THR A 359 -3.88 14.97 12.99
CA THR A 359 -4.85 16.04 12.98
C THR A 359 -4.29 17.15 12.11
N ARG A 360 -5.11 18.18 11.86
CA ARG A 360 -4.63 19.38 11.19
C ARG A 360 -4.94 20.59 12.08
N LEU A 361 -3.88 21.23 12.62
CA LEU A 361 -4.02 22.38 13.50
C LEU A 361 -3.35 23.63 12.97
N ALA A 362 -2.64 23.55 11.85
CA ALA A 362 -1.95 24.69 11.24
C ALA A 362 -1.62 24.31 9.79
N PRO A 363 -1.47 25.31 8.91
CA PRO A 363 -1.20 25.00 7.50
C PRO A 363 0.13 24.32 7.27
N ILE A 364 1.19 24.68 8.01
CA ILE A 364 2.47 23.97 7.96
C ILE A 364 2.62 23.14 9.23
N GLN A 365 2.81 21.84 9.07
CA GLN A 365 3.01 20.94 10.20
C GLN A 365 4.26 20.13 9.93
N ALA A 366 5.21 20.17 10.86
CA ALA A 366 6.52 19.57 10.66
C ALA A 366 6.99 18.88 11.93
N ILE A 367 7.90 17.92 11.74
CA ILE A 367 8.55 17.25 12.86
C ILE A 367 10.04 17.45 12.70
N ALA A 368 10.76 17.23 13.80
CA ALA A 368 12.18 16.98 13.71
C ALA A 368 12.44 15.55 14.15
N LEU A 369 13.70 15.13 14.07
CA LEU A 369 14.01 13.73 14.31
C LEU A 369 14.57 13.49 15.71
N GLY A 370 13.89 14.07 16.70
CA GLY A 370 14.16 13.68 18.07
C GLY A 370 14.05 12.19 18.23
N HIS A 371 13.08 11.57 17.55
CA HIS A 371 13.05 10.15 17.25
C HIS A 371 13.27 10.00 15.75
N PRO A 372 14.37 9.38 15.28
CA PRO A 372 14.73 9.36 13.83
C PRO A 372 13.94 8.37 12.97
N ALA A 373 12.66 8.69 12.75
CA ALA A 373 11.77 7.82 12.00
C ALA A 373 10.70 8.67 11.37
N THR A 374 10.42 8.41 10.08
CA THR A 374 9.29 9.01 9.41
C THR A 374 7.96 8.73 10.12
N THR A 375 7.08 9.73 10.14
CA THR A 375 5.79 9.61 10.79
C THR A 375 4.82 8.75 9.98
N HIS A 376 4.95 8.77 8.65
CA HIS A 376 3.99 8.22 7.69
C HIS A 376 2.61 8.84 7.86
N SER A 377 2.54 10.09 8.32
CA SER A 377 1.28 10.80 8.49
C SER A 377 1.13 11.84 7.38
N ASP A 378 -0.01 11.79 6.67
CA ASP A 378 -0.30 12.76 5.61
C ASP A 378 -0.42 14.18 6.14
N PHE A 379 -0.60 14.34 7.44
CA PHE A 379 -0.82 15.65 8.03
C PHE A 379 0.48 16.34 8.41
N ILE A 380 1.62 15.73 8.11
CA ILE A 380 2.92 16.36 8.31
C ILE A 380 3.63 16.45 6.97
N GLU A 381 4.00 17.66 6.57
CA GLU A 381 4.60 17.89 5.26
C GLU A 381 6.11 17.85 5.29
N TYR A 382 6.72 18.41 6.34
CA TYR A 382 8.15 18.66 6.37
C TYR A 382 8.80 17.90 7.52
N VAL A 383 10.10 17.61 7.36
CA VAL A 383 10.91 17.04 8.42
C VAL A 383 12.19 17.88 8.52
N ILE A 384 12.38 18.55 9.65
CA ILE A 384 13.63 19.27 9.88
C ILE A 384 14.75 18.28 10.21
N VAL A 385 15.82 18.29 9.41
CA VAL A 385 16.96 17.39 9.59
C VAL A 385 18.20 18.10 9.05
N GLU A 386 19.36 17.75 9.61
CA GLU A 386 20.63 18.28 9.13
C GLU A 386 21.15 17.49 7.93
N ASP A 387 21.75 18.22 6.98
CA ASP A 387 22.20 17.63 5.71
C ASP A 387 23.17 16.48 5.91
N ASP A 388 24.07 16.58 6.87
CA ASP A 388 25.14 15.61 7.03
C ASP A 388 24.65 14.29 7.61
N TYR A 389 23.37 14.22 8.03
CA TYR A 389 22.77 13.05 8.65
C TYR A 389 21.78 12.31 7.74
N VAL A 390 21.55 12.79 6.51
CA VAL A 390 20.60 12.15 5.61
C VAL A 390 21.31 11.18 4.68
N GLY A 391 20.75 9.98 4.55
CA GLY A 391 21.16 9.04 3.53
C GLY A 391 20.22 9.10 2.35
N SER A 392 19.22 8.22 2.38
CA SER A 392 18.15 8.27 1.41
C SER A 392 16.99 9.11 1.91
N GLU A 393 16.59 10.10 1.11
CA GLU A 393 15.43 10.88 1.43
C GLU A 393 14.16 10.08 1.19
N GLU A 394 14.29 8.99 0.43
CA GLU A 394 13.18 8.11 0.12
C GLU A 394 12.77 7.28 1.32
N CYS A 395 13.52 7.35 2.41
CA CYS A 395 13.16 6.68 3.66
C CYS A 395 12.09 7.44 4.42
N PHE A 396 11.66 8.59 3.91
CA PHE A 396 10.80 9.49 4.65
C PHE A 396 9.60 9.89 3.80
N SER A 397 8.40 9.56 4.29
CA SER A 397 7.18 10.02 3.63
C SER A 397 7.16 11.53 3.48
N GLU A 398 7.69 12.26 4.46
CA GLU A 398 7.59 13.71 4.46
C GLU A 398 8.70 14.29 3.57
N THR A 399 8.59 15.59 3.27
CA THR A 399 9.65 16.25 2.53
C THR A 399 10.71 16.71 3.53
N LEU A 400 11.92 16.18 3.41
CA LEU A 400 13.00 16.48 4.35
C LEU A 400 13.46 17.91 4.14
N LEU A 401 13.30 18.75 5.17
CA LEU A 401 13.85 20.11 5.15
C LEU A 401 15.28 20.02 5.68
N ARG A 402 16.19 19.69 4.78
CA ARG A 402 17.59 19.47 5.15
C ARG A 402 18.31 20.80 5.37
N LEU A 403 18.66 21.08 6.62
CA LEU A 403 19.35 22.29 7.00
C LEU A 403 20.86 22.09 6.97
N PRO A 404 21.65 23.20 6.90
CA PRO A 404 23.12 23.10 6.96
C PRO A 404 23.66 22.37 8.19
N LYS A 405 24.89 21.88 8.11
CA LYS A 405 25.48 21.11 9.20
C LYS A 405 25.72 21.94 10.45
N ASP A 406 25.54 23.26 10.37
CA ASP A 406 25.73 24.16 11.51
C ASP A 406 24.42 24.66 12.06
N ALA A 407 23.30 24.18 11.52
CA ALA A 407 21.99 24.78 11.76
C ALA A 407 21.38 24.36 13.06
N LEU A 408 21.82 23.25 13.65
CA LEU A 408 21.35 22.83 14.97
C LEU A 408 22.55 22.76 15.91
N PRO A 409 23.00 23.90 16.44
CA PRO A 409 24.10 23.84 17.41
C PRO A 409 23.60 23.20 18.69
N TYR A 410 24.39 22.28 19.21
CA TYR A 410 24.04 21.54 20.42
C TYR A 410 24.38 22.34 21.66
N VAL A 411 23.76 21.95 22.77
CA VAL A 411 24.07 22.51 24.09
C VAL A 411 24.82 21.46 24.89
N PRO A 412 26.02 21.76 25.38
CA PRO A 412 26.74 20.76 26.18
C PRO A 412 25.97 20.46 27.43
N SER A 413 26.13 19.24 27.94
CA SER A 413 25.53 18.98 29.23
C SER A 413 26.44 19.52 30.32
N ALA A 414 25.83 19.87 31.44
CA ALA A 414 26.61 20.27 32.58
C ALA A 414 27.33 19.10 33.21
N LEU A 415 27.09 17.86 32.75
CA LEU A 415 27.77 16.69 33.29
C LEU A 415 29.15 16.47 32.68
N ALA A 416 29.47 17.18 31.61
CA ALA A 416 30.71 16.95 30.87
C ALA A 416 31.91 17.20 31.77
N PRO A 417 32.89 16.30 31.81
CA PRO A 417 34.09 16.54 32.62
C PRO A 417 34.88 17.73 32.11
N GLU A 418 35.53 18.43 33.04
CA GLU A 418 36.42 19.53 32.69
C GLU A 418 37.87 19.08 32.51
N LYS A 419 38.21 17.87 32.94
CA LYS A 419 39.58 17.43 33.04
C LYS A 419 39.69 16.03 32.46
N VAL A 420 40.87 15.67 31.94
CA VAL A 420 40.97 14.37 31.28
C VAL A 420 42.31 13.66 31.41
N ASP A 421 42.28 12.33 31.43
CA ASP A 421 43.51 11.56 31.47
C ASP A 421 43.44 10.56 30.35
N TYR A 422 44.34 10.65 29.37
CA TYR A 422 44.25 9.77 28.21
C TYR A 422 45.10 8.51 28.35
N LEU A 423 44.44 7.35 28.41
CA LEU A 423 45.15 6.09 28.51
C LEU A 423 45.37 5.56 27.10
N LEU A 424 46.61 5.73 26.60
CA LEU A 424 47.01 5.25 25.27
C LEU A 424 47.87 4.01 25.46
N ARG A 425 47.21 2.87 25.59
CA ARG A 425 47.88 1.63 25.87
C ARG A 425 48.73 1.21 24.68
N GLU A 426 50.05 1.19 24.88
CA GLU A 426 50.99 0.71 23.88
C GLU A 426 50.92 -0.81 23.87
N ASN A 427 50.53 -1.37 22.72
CA ASN A 427 50.43 -2.82 22.49
C ASN A 427 49.84 -3.60 23.70
N PRO A 428 48.62 -3.32 24.10
CA PRO A 428 48.03 -4.08 25.22
C PRO A 428 47.83 -5.54 24.83
N GLU A 429 47.95 -6.43 25.81
CA GLU A 429 47.73 -7.84 25.52
C GLU A 429 46.28 -8.11 25.12
N VAL A 430 45.33 -7.47 25.80
CA VAL A 430 43.91 -7.59 25.48
C VAL A 430 43.41 -6.21 25.08
N VAL A 431 42.74 -6.14 23.94
CA VAL A 431 42.15 -4.92 23.41
C VAL A 431 40.73 -4.84 23.97
N ASN A 432 40.48 -3.85 24.85
CA ASN A 432 39.17 -3.63 25.43
C ASN A 432 38.35 -2.72 24.52
N ILE A 433 37.22 -3.24 24.03
CA ILE A 433 36.35 -2.51 23.11
C ILE A 433 35.09 -2.08 23.83
N GLY A 434 34.83 -0.78 23.86
CA GLY A 434 33.61 -0.24 24.46
C GLY A 434 32.39 -0.34 23.54
N ILE A 435 31.23 -0.63 24.14
CA ILE A 435 29.95 -0.53 23.45
C ILE A 435 29.02 0.35 24.28
N ALA A 436 28.62 1.48 23.70
CA ALA A 436 27.67 2.40 24.32
C ALA A 436 26.28 2.19 23.75
N SER A 437 25.55 1.20 24.26
CA SER A 437 24.25 0.86 23.67
C SER A 437 23.12 0.68 24.68
N THR A 438 21.89 1.00 24.24
CA THR A 438 20.69 0.67 25.01
C THR A 438 20.17 -0.67 24.54
N THR A 439 19.24 -1.23 25.32
CA THR A 439 18.72 -2.54 25.01
C THR A 439 18.06 -2.57 23.64
N MET A 440 17.36 -1.49 23.25
CA MET A 440 16.65 -1.50 21.99
C MET A 440 17.60 -1.66 20.80
N LYS A 441 18.82 -1.19 20.95
CA LYS A 441 19.76 -1.18 19.84
C LYS A 441 20.41 -2.53 19.62
N LEU A 442 20.20 -3.47 20.53
CA LEU A 442 20.83 -4.79 20.49
C LEU A 442 20.01 -5.75 19.64
N ASN A 443 20.71 -6.55 18.84
CA ASN A 443 20.06 -7.42 17.90
C ASN A 443 21.03 -8.54 17.53
N PRO A 444 20.54 -9.64 16.92
CA PRO A 444 21.47 -10.73 16.57
C PRO A 444 22.49 -10.30 15.53
N TYR A 445 22.13 -9.38 14.63
CA TYR A 445 23.05 -8.95 13.59
C TYR A 445 24.24 -8.23 14.20
N PHE A 446 23.95 -7.29 15.12
CA PHE A 446 25.02 -6.58 15.80
C PHE A 446 25.89 -7.55 16.58
N LEU A 447 25.25 -8.48 17.30
CA LEU A 447 26.00 -9.40 18.15
C LEU A 447 26.78 -10.41 17.31
N GLU A 448 26.24 -10.80 16.15
CA GLU A 448 26.97 -11.73 15.31
C GLU A 448 28.21 -11.04 14.74
N ALA A 449 28.09 -9.75 14.43
CA ALA A 449 29.24 -9.02 13.95
C ALA A 449 30.31 -8.93 15.02
N LEU A 450 29.88 -8.78 16.29
CA LEU A 450 30.82 -8.67 17.40
C LEU A 450 31.54 -9.99 17.62
N LYS A 451 30.80 -11.11 17.49
CA LYS A 451 31.43 -12.42 17.51
C LYS A 451 32.52 -12.52 16.45
N ALA A 452 32.20 -12.10 15.22
CA ALA A 452 33.18 -12.14 14.14
C ALA A 452 34.44 -11.36 14.47
N ILE A 453 34.29 -10.21 15.13
CA ILE A 453 35.47 -9.41 15.45
C ILE A 453 36.37 -10.18 16.41
N ARG A 454 35.78 -10.72 17.48
CA ARG A 454 36.53 -11.55 18.41
C ARG A 454 37.15 -12.74 17.69
N ASP A 455 36.39 -13.38 16.80
CA ASP A 455 36.85 -14.61 16.19
C ASP A 455 37.95 -14.34 15.16
N ARG A 456 37.84 -13.24 14.42
CA ARG A 456 38.74 -13.07 13.28
C ARG A 456 40.03 -12.38 13.68
N ALA A 457 40.02 -11.63 14.78
CA ALA A 457 41.18 -10.84 15.20
C ALA A 457 42.35 -11.73 15.60
N LYS A 458 43.54 -11.33 15.16
CA LYS A 458 44.78 -11.94 15.62
C LYS A 458 45.24 -11.38 16.97
N VAL A 459 44.36 -10.64 17.66
CA VAL A 459 44.62 -10.14 19.00
C VAL A 459 43.42 -10.51 19.88
N LYS A 460 43.69 -10.85 21.14
CA LYS A 460 42.61 -11.05 22.10
C LYS A 460 41.86 -9.74 22.31
N VAL A 461 40.52 -9.79 22.33
CA VAL A 461 39.70 -8.62 22.56
C VAL A 461 38.69 -8.90 23.67
N HIS A 462 38.31 -7.85 24.41
CA HIS A 462 37.18 -7.91 25.32
C HIS A 462 36.18 -6.83 24.97
N PHE A 463 34.89 -7.16 25.06
CA PHE A 463 33.80 -6.21 24.79
C PHE A 463 33.18 -5.78 26.12
N HIS A 464 33.37 -4.52 26.49
CA HIS A 464 32.67 -3.94 27.64
C HIS A 464 31.38 -3.24 27.18
N PHE A 465 30.23 -3.82 27.53
CA PHE A 465 28.93 -3.24 27.19
C PHE A 465 28.47 -2.32 28.30
N ALA A 466 28.25 -1.04 27.98
CA ALA A 466 27.64 -0.09 28.91
C ALA A 466 26.18 0.04 28.51
N LEU A 467 25.33 -0.74 29.15
CA LEU A 467 23.95 -0.89 28.71
C LEU A 467 22.99 0.04 29.44
N GLY A 468 22.19 0.77 28.66
CA GLY A 468 21.12 1.61 29.17
C GLY A 468 19.84 0.79 29.07
N ALA A 469 18.95 0.95 30.06
CA ALA A 469 17.66 0.25 30.24
C ALA A 469 17.90 -1.17 30.75
N SER A 470 19.15 -1.59 30.97
CA SER A 470 19.49 -2.91 31.50
C SER A 470 19.54 -2.75 33.01
N ASN A 471 18.37 -2.88 33.64
CA ASN A 471 18.17 -2.67 35.06
C ASN A 471 17.21 -3.71 35.61
N GLY A 472 17.34 -3.99 36.90
CA GLY A 472 16.44 -4.93 37.55
C GLY A 472 16.36 -6.22 36.79
N ILE A 473 15.13 -6.66 36.52
CA ILE A 473 14.91 -7.94 35.86
C ILE A 473 15.44 -7.94 34.43
N THR A 474 15.56 -6.77 33.80
CA THR A 474 16.00 -6.75 32.41
C THR A 474 17.42 -7.30 32.27
N HIS A 475 18.35 -6.87 33.13
CA HIS A 475 19.78 -7.16 32.93
C HIS A 475 20.11 -8.66 32.89
N PRO A 476 19.65 -9.51 33.82
CA PRO A 476 20.06 -10.92 33.77
C PRO A 476 19.77 -11.59 32.44
N TYR A 477 18.62 -11.26 31.87
CA TYR A 477 18.23 -11.81 30.57
C TYR A 477 19.18 -11.33 29.47
N VAL A 478 19.47 -10.03 29.40
CA VAL A 478 20.40 -9.53 28.38
C VAL A 478 21.81 -10.11 28.61
N GLU A 479 22.25 -10.20 29.87
CA GLU A 479 23.56 -10.77 30.14
C GLU A 479 23.72 -12.15 29.49
N ARG A 480 22.71 -13.01 29.59
CA ARG A 480 22.81 -14.33 29.01
C ARG A 480 22.89 -14.23 27.48
N PHE A 481 22.09 -13.34 26.91
CA PHE A 481 22.14 -13.04 25.49
C PHE A 481 23.56 -12.68 25.04
N ILE A 482 24.18 -11.69 25.70
CA ILE A 482 25.51 -11.28 25.27
C ILE A 482 26.49 -12.42 25.44
N LYS A 483 26.36 -13.18 26.54
CA LYS A 483 27.26 -14.29 26.80
C LYS A 483 27.06 -15.43 25.80
N SER A 484 25.84 -15.55 25.27
CA SER A 484 25.58 -16.60 24.28
C SER A 484 26.44 -16.43 23.03
N TYR A 485 26.87 -15.20 22.71
CA TYR A 485 27.70 -14.93 21.53
C TYR A 485 29.18 -14.83 21.84
N LEU A 486 29.53 -14.12 22.92
CA LEU A 486 30.91 -13.78 23.22
C LEU A 486 31.43 -14.44 24.48
N GLY A 487 30.56 -14.86 25.38
CA GLY A 487 30.96 -15.57 26.58
C GLY A 487 31.90 -14.75 27.44
N ASP A 488 33.11 -15.29 27.63
CA ASP A 488 34.12 -14.70 28.50
C ASP A 488 34.80 -13.48 27.87
N SER A 489 34.55 -13.20 26.60
CA SER A 489 35.11 -12.04 25.90
C SER A 489 34.22 -10.81 26.05
N ALA A 490 33.27 -10.86 26.97
CA ALA A 490 32.26 -9.80 27.08
C ALA A 490 31.79 -9.65 28.52
N THR A 491 31.82 -8.41 29.01
CA THR A 491 31.21 -8.01 30.27
C THR A 491 29.98 -7.14 29.98
N ALA A 492 28.84 -7.46 30.59
CA ALA A 492 27.64 -6.63 30.51
C ALA A 492 27.58 -5.74 31.75
N HIS A 493 28.00 -4.51 31.63
CA HIS A 493 27.75 -3.56 32.71
C HIS A 493 26.30 -3.07 32.69
N PRO A 494 25.54 -3.21 33.81
CA PRO A 494 24.20 -2.59 33.84
C PRO A 494 24.27 -1.08 33.79
N HIS A 495 23.12 -0.39 33.76
CA HIS A 495 23.11 1.07 33.71
C HIS A 495 23.91 1.67 34.87
N SER A 496 24.78 2.62 34.55
CA SER A 496 25.69 3.26 35.49
C SER A 496 25.47 4.76 35.51
N PRO A 497 25.74 5.41 36.66
CA PRO A 497 25.81 6.88 36.67
C PRO A 497 26.84 7.36 35.66
N TYR A 498 26.62 8.57 35.13
CA TYR A 498 27.48 9.10 34.08
C TYR A 498 28.98 8.95 34.38
N HIS A 499 29.40 9.22 35.61
CA HIS A 499 30.83 9.20 35.93
C HIS A 499 31.37 7.77 35.98
N GLN A 500 30.53 6.81 36.36
CA GLN A 500 30.94 5.41 36.38
C GLN A 500 30.79 4.79 35.00
N TYR A 501 29.90 5.35 34.19
CA TYR A 501 29.74 4.96 32.81
C TYR A 501 30.95 5.38 31.99
N LEU A 502 31.49 6.58 32.25
CA LEU A 502 32.67 7.05 31.53
C LEU A 502 33.91 6.28 31.98
N ARG A 503 33.91 5.79 33.22
CA ARG A 503 35.06 5.03 33.71
C ARG A 503 35.10 3.66 33.06
N ILE A 504 33.93 3.07 32.79
CA ILE A 504 33.92 1.81 32.06
C ILE A 504 34.51 2.02 30.68
N LEU A 505 34.11 3.11 30.03
CA LEU A 505 34.61 3.42 28.70
C LEU A 505 36.08 3.79 28.75
N HIS A 506 36.47 4.61 29.72
CA HIS A 506 37.87 4.96 29.94
C HIS A 506 38.79 3.74 29.96
N ASN A 507 38.33 2.61 30.49
CA ASN A 507 39.10 1.38 30.55
C ASN A 507 39.37 0.78 29.18
N CYS A 508 38.63 1.23 28.17
CA CYS A 508 38.71 0.66 26.83
C CYS A 508 39.76 1.35 25.97
N ASP A 509 40.18 0.61 24.93
CA ASP A 509 41.20 1.01 23.97
C ASP A 509 40.60 1.56 22.68
N MET A 510 39.44 1.04 22.29
CA MET A 510 38.66 1.50 21.15
C MET A 510 37.20 1.23 21.50
N MET A 511 36.29 1.71 20.65
CA MET A 511 34.87 1.44 20.89
C MET A 511 34.17 1.07 19.59
N VAL A 512 32.94 0.55 19.73
CA VAL A 512 32.08 0.20 18.61
C VAL A 512 30.63 0.42 19.02
N ASN A 513 29.79 0.62 18.03
CA ASN A 513 28.35 0.88 18.12
C ASN A 513 27.46 0.05 17.21
N PRO A 514 26.21 -0.14 17.65
CA PRO A 514 25.24 -0.96 16.90
C PRO A 514 24.92 -0.29 15.58
N PHE A 515 24.92 -1.09 14.53
CA PHE A 515 24.83 -0.46 13.23
C PHE A 515 23.41 -0.09 12.81
N PRO A 516 22.41 -0.95 13.00
CA PRO A 516 21.07 -0.57 12.49
C PRO A 516 20.67 0.80 13.04
N PHE A 517 20.81 1.02 14.35
CA PHE A 517 20.49 2.29 14.98
C PHE A 517 21.74 2.79 15.71
N GLY A 518 22.34 3.84 15.16
CA GLY A 518 23.60 4.37 15.67
C GLY A 518 23.44 5.23 16.90
N ASN A 519 24.57 5.81 17.29
CA ASN A 519 24.69 6.62 18.50
C ASN A 519 24.87 8.10 18.15
N THR A 520 24.35 8.95 19.04
CA THR A 520 24.58 10.38 19.03
C THR A 520 25.41 10.79 20.23
N ASN A 521 24.87 10.62 21.43
CA ASN A 521 25.61 10.90 22.65
C ASN A 521 26.81 9.98 22.81
N GLY A 522 26.68 8.70 22.44
CA GLY A 522 27.82 7.80 22.54
C GLY A 522 29.05 8.30 21.82
N ILE A 523 28.87 9.02 20.72
CA ILE A 523 30.02 9.48 19.95
C ILE A 523 30.68 10.64 20.65
N ILE A 524 29.87 11.60 21.11
CA ILE A 524 30.40 12.68 21.95
C ILE A 524 31.15 12.10 23.14
N ASP A 525 30.63 11.01 23.73
CA ASP A 525 31.32 10.36 24.84
C ASP A 525 32.65 9.78 24.38
N MET A 526 32.65 9.09 23.24
CA MET A 526 33.87 8.51 22.72
C MET A 526 34.93 9.57 22.52
N VAL A 527 34.54 10.67 21.85
CA VAL A 527 35.49 11.71 21.50
C VAL A 527 35.93 12.49 22.74
N THR A 528 35.01 12.66 23.69
CA THR A 528 35.39 13.30 24.95
C THR A 528 36.55 12.58 25.61
N LEU A 529 36.56 11.25 25.53
CA LEU A 529 37.63 10.48 26.15
C LEU A 529 38.80 10.25 25.20
N GLY A 530 38.85 10.96 24.08
CA GLY A 530 39.92 10.80 23.12
C GLY A 530 39.99 9.39 22.55
N LEU A 531 38.84 8.74 22.42
CA LEU A 531 38.74 7.41 21.84
C LEU A 531 38.31 7.47 20.38
N VAL A 532 38.67 6.42 19.62
CA VAL A 532 38.20 6.25 18.25
C VAL A 532 37.44 4.93 18.17
N GLY A 533 36.61 4.80 17.13
CA GLY A 533 35.81 3.61 17.01
C GLY A 533 35.32 3.41 15.60
N VAL A 534 34.49 2.37 15.43
CA VAL A 534 33.96 2.03 14.11
C VAL A 534 32.45 2.05 14.18
N CYS A 535 31.81 2.71 13.20
CA CYS A 535 30.37 2.72 13.04
C CYS A 535 30.00 2.19 11.66
N LYS A 536 28.72 1.87 11.46
CA LYS A 536 28.20 1.52 10.15
C LYS A 536 27.12 2.51 9.73
N THR A 537 27.22 3.01 8.49
CA THR A 537 26.25 3.96 7.97
C THR A 537 25.19 3.28 7.11
N GLY A 538 24.16 4.04 6.74
CA GLY A 538 23.04 3.46 6.01
C GLY A 538 22.13 4.54 5.47
N ALA A 539 20.97 4.10 4.99
CA ALA A 539 20.01 5.00 4.38
C ALA A 539 19.24 5.83 5.43
N GLU A 540 18.68 5.15 6.44
CA GLU A 540 17.93 5.83 7.49
C GLU A 540 18.82 6.83 8.23
N VAL A 541 18.21 7.90 8.76
CA VAL A 541 19.01 8.89 9.49
C VAL A 541 19.64 8.24 10.73
N HIS A 542 18.91 7.37 11.42
CA HIS A 542 19.49 6.76 12.61
C HIS A 542 20.68 5.85 12.26
N GLU A 543 20.88 5.51 10.98
CA GLU A 543 22.09 4.83 10.54
C GLU A 543 23.19 5.83 10.20
N HIS A 544 22.79 6.99 9.67
CA HIS A 544 23.69 7.90 8.99
C HIS A 544 24.32 8.93 9.93
N ILE A 545 23.62 9.27 11.02
CA ILE A 545 24.08 10.23 12.02
C ILE A 545 25.54 9.95 12.39
N ASP A 546 25.82 8.68 12.70
CA ASP A 546 27.18 8.28 13.04
C ASP A 546 28.17 8.76 12.00
N GLU A 547 27.85 8.57 10.72
CA GLU A 547 28.75 9.01 9.65
C GLU A 547 28.94 10.53 9.70
N GLY A 548 27.83 11.28 9.68
CA GLY A 548 27.92 12.73 9.77
C GLY A 548 28.75 13.16 10.97
N LEU A 549 28.49 12.54 12.12
CA LEU A 549 29.09 13.00 13.36
C LEU A 549 30.57 12.64 13.40
N PHE A 550 30.93 11.47 12.89
CA PHE A 550 32.34 11.15 12.69
C PHE A 550 33.03 12.25 11.90
N LYS A 551 32.47 12.60 10.73
CA LYS A 551 33.05 13.64 9.89
C LYS A 551 33.05 15.00 10.58
N ARG A 552 31.98 15.34 11.31
CA ARG A 552 31.99 16.62 12.04
C ARG A 552 33.15 16.67 13.02
N LEU A 553 33.54 15.53 13.59
CA LEU A 553 34.56 15.48 14.62
C LEU A 553 35.95 15.17 14.07
N GLY A 554 36.05 14.75 12.81
CA GLY A 554 37.34 14.50 12.21
C GLY A 554 37.72 13.05 12.28
N LEU A 555 36.82 12.17 11.89
CA LEU A 555 37.14 10.76 11.90
C LEU A 555 37.32 10.24 10.49
N PRO A 556 38.43 9.54 10.29
CA PRO A 556 38.68 8.97 8.98
C PRO A 556 37.49 8.18 8.51
N GLU A 557 37.29 8.11 7.22
CA GLU A 557 36.14 7.44 6.69
C GLU A 557 36.43 6.00 6.52
N TRP A 558 37.56 5.57 7.02
CA TRP A 558 37.84 4.17 6.96
C TRP A 558 37.24 3.61 8.18
N LEU A 559 36.93 4.48 9.11
CA LEU A 559 36.28 4.01 10.34
C LEU A 559 34.77 3.95 10.17
N ILE A 560 34.27 4.30 8.99
CA ILE A 560 32.86 4.37 8.67
C ILE A 560 32.56 3.31 7.61
N ALA A 561 31.85 2.26 7.99
CA ALA A 561 31.56 1.16 7.11
C ALA A 561 30.15 1.25 6.55
N ASN A 562 29.98 0.74 5.33
CA ASN A 562 28.69 0.62 4.67
C ASN A 562 28.06 -0.76 4.80
N THR A 563 28.88 -1.80 4.88
CA THR A 563 28.40 -3.18 5.03
C THR A 563 28.83 -3.73 6.38
N VAL A 564 28.14 -4.78 6.82
CA VAL A 564 28.54 -5.44 8.05
C VAL A 564 29.93 -6.06 7.91
N ASP A 565 30.23 -6.64 6.73
CA ASP A 565 31.53 -7.25 6.52
C ASP A 565 32.65 -6.22 6.65
N GLU A 566 32.40 -5.01 6.16
CA GLU A 566 33.37 -3.94 6.34
C GLU A 566 33.46 -3.54 7.80
N TYR A 567 32.31 -3.48 8.48
CA TYR A 567 32.28 -3.17 9.91
C TYR A 567 33.22 -4.10 10.66
N VAL A 568 33.15 -5.40 10.37
CA VAL A 568 34.05 -6.35 11.02
C VAL A 568 35.49 -6.11 10.61
N GLU A 569 35.73 -5.97 9.29
CA GLU A 569 37.07 -5.73 8.76
C GLU A 569 37.77 -4.60 9.50
N ARG A 570 37.13 -3.42 9.52
CA ARG A 570 37.81 -2.22 9.99
C ARG A 570 38.05 -2.29 11.50
N ALA A 571 37.09 -2.84 12.26
CA ALA A 571 37.26 -3.01 13.69
C ALA A 571 38.41 -3.97 14.01
N VAL A 572 38.45 -5.13 13.34
CA VAL A 572 39.57 -6.06 13.48
C VAL A 572 40.90 -5.33 13.21
N ARG A 573 40.90 -4.46 12.19
CA ARG A 573 42.08 -3.67 11.89
C ARG A 573 42.40 -2.73 13.04
N LEU A 574 41.38 -2.03 13.57
CA LEU A 574 41.60 -1.10 14.67
C LEU A 574 42.12 -1.84 15.91
N ALA A 575 41.59 -3.03 16.17
CA ALA A 575 42.12 -3.86 17.25
C ALA A 575 43.56 -4.28 16.98
N GLU A 576 43.84 -4.79 15.78
CA GLU A 576 45.15 -5.38 15.48
C GLU A 576 46.26 -4.32 15.44
N ASN A 577 46.08 -3.24 14.68
CA ASN A 577 47.16 -2.26 14.52
C ASN A 577 47.19 -1.30 15.71
N HIS A 578 47.94 -1.71 16.75
CA HIS A 578 47.99 -0.93 17.98
C HIS A 578 48.48 0.49 17.75
N GLN A 579 49.59 0.64 17.02
CA GLN A 579 50.17 1.97 16.85
C GLN A 579 49.32 2.82 15.94
N GLU A 580 48.71 2.23 14.90
CA GLU A 580 47.81 2.99 14.05
C GLU A 580 46.58 3.46 14.84
N ARG A 581 46.08 2.63 15.76
CA ARG A 581 44.99 3.06 16.63
C ARG A 581 45.42 4.27 17.46
N LEU A 582 46.61 4.19 18.07
CA LEU A 582 47.11 5.26 18.92
C LEU A 582 47.40 6.54 18.15
N GLU A 583 47.82 6.46 16.87
CA GLU A 583 48.01 7.70 16.10
C GLU A 583 46.68 8.40 15.85
N LEU A 584 45.62 7.62 15.57
CA LEU A 584 44.30 8.21 15.41
C LEU A 584 43.81 8.83 16.71
N ARG A 585 44.05 8.14 17.83
CA ARG A 585 43.67 8.68 19.12
C ARG A 585 44.39 10.00 19.38
N ARG A 586 45.70 10.03 19.15
CA ARG A 586 46.46 11.26 19.36
C ARG A 586 45.96 12.37 18.44
N TYR A 587 45.53 12.01 17.22
CA TYR A 587 44.97 13.02 16.32
C TYR A 587 43.67 13.59 16.88
N ILE A 588 42.76 12.72 17.34
CA ILE A 588 41.49 13.18 17.89
C ILE A 588 41.72 13.98 19.17
N ILE A 589 42.59 13.47 20.05
CA ILE A 589 42.92 14.17 21.28
C ILE A 589 43.38 15.59 21.00
N GLU A 590 44.04 15.84 19.87
CA GLU A 590 44.59 17.16 19.58
C GLU A 590 43.68 18.03 18.72
N ASN A 591 42.89 17.44 17.82
CA ASN A 591 42.05 18.21 16.90
C ASN A 591 40.61 17.72 16.96
N ASN A 592 40.09 17.39 18.13
CA ASN A 592 38.68 17.01 18.14
C ASN A 592 37.83 18.24 17.86
N GLY A 593 36.78 18.03 17.06
CA GLY A 593 35.86 19.07 16.69
C GLY A 593 34.68 19.16 17.62
N LEU A 594 34.87 18.68 18.85
CA LEU A 594 33.82 18.75 19.86
C LEU A 594 33.24 20.15 19.97
N ASN A 595 34.07 21.17 19.75
CA ASN A 595 33.58 22.55 19.82
C ASN A 595 32.70 22.89 18.63
N THR A 596 32.99 22.33 17.44
CA THR A 596 32.12 22.56 16.30
C THR A 596 30.69 22.12 16.59
N LEU A 597 30.51 21.10 17.42
CA LEU A 597 29.17 20.64 17.80
C LEU A 597 28.37 21.73 18.50
N PHE A 598 29.04 22.61 19.25
CA PHE A 598 28.40 23.60 20.11
C PHE A 598 28.37 25.00 19.49
N THR A 599 28.85 25.14 18.25
CA THR A 599 28.80 26.40 17.50
C THR A 599 28.05 26.25 16.19
N GLY A 600 27.55 27.38 15.67
CA GLY A 600 26.86 27.39 14.39
C GLY A 600 25.80 28.47 14.36
N ASP A 601 25.07 28.51 13.26
CA ASP A 601 23.97 29.46 13.10
C ASP A 601 22.65 28.72 13.14
N PRO A 602 21.85 28.86 14.20
CA PRO A 602 20.60 28.10 14.33
C PRO A 602 19.38 28.73 13.69
N ARG A 603 19.56 29.85 12.99
CA ARG A 603 18.51 30.64 12.37
C ARG A 603 17.90 30.03 11.11
N PRO A 604 18.62 29.14 10.35
CA PRO A 604 18.02 28.56 9.14
C PRO A 604 16.62 28.00 9.29
N MET A 605 16.33 27.26 10.37
CA MET A 605 15.01 26.64 10.49
C MET A 605 13.91 27.70 10.51
N GLY A 606 14.05 28.72 11.36
CA GLY A 606 13.03 29.75 11.40
C GLY A 606 12.83 30.45 10.07
N GLN A 607 13.88 30.51 9.26
CA GLN A 607 13.83 31.09 7.93
C GLN A 607 13.08 30.21 6.93
N VAL A 608 13.42 28.92 6.84
CA VAL A 608 12.80 28.02 5.87
C VAL A 608 11.31 27.88 6.15
N PHE A 609 10.91 27.97 7.42
CA PHE A 609 9.48 27.92 7.75
C PHE A 609 8.78 29.16 7.23
N LEU A 610 9.40 30.33 7.40
CA LEU A 610 8.78 31.57 6.93
C LEU A 610 8.57 31.57 5.41
N GLU A 611 9.58 31.12 4.65
CA GLU A 611 9.44 31.05 3.20
C GLU A 611 8.28 30.16 2.81
N LYS A 612 8.26 28.92 3.33
CA LYS A 612 7.20 27.97 3.04
C LYS A 612 5.84 28.53 3.44
N LEU A 613 5.77 29.25 4.56
CA LEU A 613 4.52 29.90 4.95
C LEU A 613 4.16 31.03 3.99
N ASN A 614 5.12 31.91 3.69
CA ASN A 614 4.86 33.06 2.82
C ASN A 614 4.35 32.64 1.45
N ALA A 615 5.00 31.65 0.84
CA ALA A 615 4.50 31.11 -0.42
C ALA A 615 3.04 30.69 -0.29
N PHE A 616 2.68 30.05 0.79
CA PHE A 616 1.33 29.55 0.95
C PHE A 616 0.40 30.70 1.11
N LEU A 617 0.79 31.65 1.95
CA LEU A 617 -0.07 32.75 2.22
C LEU A 617 -0.40 33.45 0.93
N LYS A 618 0.56 33.54 0.05
CA LYS A 618 0.37 34.20 -1.23
C LYS A 618 -0.59 33.50 -2.17
N GLU A 619 -0.45 32.19 -2.34
CA GLU A 619 -1.42 31.46 -3.14
C GLU A 619 -2.84 31.66 -2.61
N ASN B 5 -38.65 -16.01 -39.14
CA ASN B 5 -37.91 -15.83 -37.89
C ASN B 5 -36.59 -15.06 -38.11
N LYS B 6 -36.63 -14.03 -38.94
CA LYS B 6 -35.53 -13.08 -39.18
C LYS B 6 -35.92 -11.67 -38.71
N PRO B 7 -34.99 -10.91 -38.13
CA PRO B 7 -35.34 -9.63 -37.47
C PRO B 7 -35.96 -8.62 -38.43
N ASN B 8 -37.12 -8.09 -38.04
CA ASN B 8 -37.97 -7.31 -38.94
C ASN B 8 -38.67 -6.19 -38.17
N VAL B 9 -38.36 -4.94 -38.53
CA VAL B 9 -38.97 -3.82 -37.84
C VAL B 9 -40.47 -3.77 -38.11
N ALA B 10 -40.86 -3.94 -39.37
CA ALA B 10 -42.27 -3.91 -39.75
C ALA B 10 -43.06 -4.99 -39.02
N ASN B 11 -42.48 -6.18 -38.87
CA ASN B 11 -43.19 -7.23 -38.14
C ASN B 11 -43.32 -6.87 -36.67
N PHE B 12 -42.26 -6.31 -36.08
CA PHE B 12 -42.33 -5.86 -34.71
C PHE B 12 -43.44 -4.82 -34.53
N GLU B 13 -43.48 -3.82 -35.40
CA GLU B 13 -44.50 -2.79 -35.30
C GLU B 13 -45.90 -3.36 -35.49
N ALA B 14 -46.06 -4.25 -36.48
CA ALA B 14 -47.34 -4.94 -36.65
C ALA B 14 -47.78 -5.63 -35.37
N ALA B 15 -46.86 -6.33 -34.69
CA ALA B 15 -47.24 -7.06 -33.49
C ALA B 15 -47.66 -6.10 -32.37
N VAL B 16 -47.02 -4.94 -32.29
CA VAL B 16 -47.42 -3.95 -31.30
C VAL B 16 -48.81 -3.41 -31.62
N ALA B 17 -49.01 -2.96 -32.86
CA ALA B 17 -50.31 -2.49 -33.31
C ALA B 17 -51.40 -3.53 -33.04
N ALA B 18 -51.11 -4.80 -33.36
CA ALA B 18 -52.09 -5.87 -33.16
C ALA B 18 -52.23 -6.29 -31.71
N LYS B 19 -51.40 -5.72 -30.82
CA LYS B 19 -51.46 -6.01 -29.39
C LYS B 19 -51.22 -7.48 -29.10
N ASP B 20 -50.42 -8.14 -29.95
CA ASP B 20 -49.96 -9.49 -29.67
C ASP B 20 -48.66 -9.32 -28.91
N TYR B 21 -48.77 -9.09 -27.59
CA TYR B 21 -47.61 -8.74 -26.77
C TYR B 21 -46.54 -9.82 -26.82
N GLU B 22 -46.91 -11.07 -27.06
CA GLU B 22 -45.91 -12.13 -27.06
C GLU B 22 -45.09 -12.08 -28.34
N LYS B 23 -45.77 -11.97 -29.49
CA LYS B 23 -45.04 -11.83 -30.73
C LYS B 23 -44.21 -10.55 -30.71
N ALA B 24 -44.78 -9.47 -30.16
CA ALA B 24 -44.05 -8.21 -30.09
C ALA B 24 -42.73 -8.38 -29.33
N CYS B 25 -42.81 -8.86 -28.08
CA CYS B 25 -41.60 -9.06 -27.28
C CYS B 25 -40.59 -9.95 -28.00
N SER B 26 -41.06 -11.08 -28.55
CA SER B 26 -40.15 -12.01 -29.19
C SER B 26 -39.50 -11.36 -30.42
N GLU B 27 -40.26 -10.51 -31.13
CA GLU B 27 -39.73 -9.86 -32.31
C GLU B 27 -38.72 -8.80 -31.93
N LEU B 28 -39.03 -8.00 -30.90
CA LEU B 28 -38.07 -7.08 -30.31
C LEU B 28 -36.79 -7.82 -29.96
N LEU B 29 -36.94 -8.92 -29.20
CA LEU B 29 -35.79 -9.67 -28.73
C LEU B 29 -34.99 -10.24 -29.91
N LEU B 30 -35.65 -10.49 -31.04
CA LEU B 30 -34.94 -10.92 -32.25
C LEU B 30 -34.00 -9.81 -32.71
N ILE B 31 -34.54 -8.60 -32.88
CA ILE B 31 -33.74 -7.45 -33.26
C ILE B 31 -32.60 -7.21 -32.26
N LEU B 32 -32.93 -7.17 -30.96
CA LEU B 32 -31.90 -6.90 -29.95
C LEU B 32 -30.78 -7.93 -30.00
N SER B 33 -31.15 -9.22 -30.06
CA SER B 33 -30.17 -10.28 -30.27
C SER B 33 -29.30 -10.00 -31.49
N GLN B 34 -29.91 -9.53 -32.58
CA GLN B 34 -29.14 -9.23 -33.77
C GLN B 34 -28.17 -8.08 -33.51
N LEU B 35 -28.64 -7.03 -32.81
CA LEU B 35 -27.78 -5.89 -32.50
C LEU B 35 -26.63 -6.34 -31.61
N ASP B 36 -26.92 -7.28 -30.71
CA ASP B 36 -25.87 -7.85 -29.88
C ASP B 36 -24.84 -8.55 -30.75
N SER B 37 -25.31 -9.39 -31.67
CA SER B 37 -24.42 -10.15 -32.56
C SER B 37 -23.57 -9.23 -33.41
N ASN B 38 -24.14 -8.10 -33.85
CA ASN B 38 -23.49 -7.24 -34.83
C ASN B 38 -22.81 -6.05 -34.18
N PHE B 39 -22.71 -6.07 -32.85
CA PHE B 39 -22.09 -5.00 -32.08
C PHE B 39 -22.67 -3.63 -32.43
N GLY B 40 -23.99 -3.58 -32.55
CA GLY B 40 -24.70 -2.36 -32.86
C GLY B 40 -25.07 -2.20 -34.31
N GLY B 41 -24.54 -3.05 -35.20
CA GLY B 41 -24.86 -2.97 -36.60
C GLY B 41 -26.33 -3.21 -36.90
N ILE B 42 -26.89 -2.40 -37.80
CA ILE B 42 -28.28 -2.54 -38.22
C ILE B 42 -28.40 -3.39 -39.48
N HIS B 43 -27.26 -3.84 -40.00
CA HIS B 43 -27.24 -4.80 -41.08
C HIS B 43 -27.76 -6.10 -40.51
N GLU B 44 -28.40 -6.91 -41.33
CA GLU B 44 -29.00 -8.15 -40.88
C GLU B 44 -30.32 -7.88 -40.20
N ILE B 45 -30.78 -6.63 -40.23
CA ILE B 45 -32.10 -6.31 -39.70
C ILE B 45 -32.93 -5.73 -40.82
N GLU B 46 -34.14 -6.22 -41.01
CA GLU B 46 -34.91 -5.80 -42.15
C GLU B 46 -35.86 -4.65 -41.93
N PHE B 47 -35.65 -3.59 -42.70
CA PHE B 47 -36.51 -2.45 -42.62
C PHE B 47 -36.42 -1.64 -43.88
N GLU B 48 -37.43 -0.83 -44.13
CA GLU B 48 -37.43 0.03 -45.28
C GLU B 48 -37.26 1.44 -44.79
N TYR B 49 -36.88 2.34 -45.68
CA TYR B 49 -36.58 3.71 -45.26
C TYR B 49 -36.88 4.66 -46.41
N PRO B 50 -37.16 5.94 -46.12
CA PRO B 50 -37.29 6.93 -47.20
C PRO B 50 -36.05 6.93 -48.08
N ALA B 51 -36.28 7.04 -49.40
CA ALA B 51 -35.18 6.99 -50.35
C ALA B 51 -34.13 8.03 -50.04
N GLN B 52 -34.54 9.16 -49.44
CA GLN B 52 -33.63 10.28 -49.20
C GLN B 52 -32.44 9.86 -48.35
N LEU B 53 -32.54 8.74 -47.63
CA LEU B 53 -31.51 8.32 -46.70
C LEU B 53 -30.60 7.21 -47.25
N GLN B 54 -30.75 6.84 -48.53
CA GLN B 54 -29.99 5.73 -49.11
C GLN B 54 -28.50 5.80 -48.79
N ASP B 55 -27.84 6.89 -49.16
CA ASP B 55 -26.39 6.99 -49.03
C ASP B 55 -25.97 7.82 -47.82
N LEU B 56 -26.90 8.06 -46.91
CA LEU B 56 -26.65 8.74 -45.64
C LEU B 56 -26.82 7.73 -44.51
N GLU B 57 -25.71 7.07 -44.12
CA GLU B 57 -25.79 5.91 -43.21
C GLU B 57 -26.14 6.33 -41.78
N GLN B 58 -25.49 7.38 -41.29
CA GLN B 58 -25.78 7.88 -39.95
C GLN B 58 -27.26 8.16 -39.77
N GLU B 59 -27.86 8.86 -40.75
CA GLU B 59 -29.26 9.26 -40.69
C GLU B 59 -30.19 8.05 -40.72
N LYS B 60 -29.80 6.99 -41.44
CA LYS B 60 -30.58 5.77 -41.47
C LYS B 60 -30.59 5.09 -40.11
N ILE B 61 -29.49 5.19 -39.37
CA ILE B 61 -29.43 4.56 -38.05
C ILE B 61 -30.34 5.29 -37.09
N VAL B 62 -30.29 6.62 -37.10
CA VAL B 62 -31.15 7.38 -36.21
C VAL B 62 -32.61 7.13 -36.56
N TYR B 63 -32.90 6.98 -37.86
CA TYR B 63 -34.24 6.61 -38.31
C TYR B 63 -34.60 5.23 -37.78
N PHE B 64 -33.69 4.26 -37.93
CA PHE B 64 -33.89 2.93 -37.37
C PHE B 64 -34.23 3.02 -35.88
N CYS B 65 -33.35 3.67 -35.12
CA CYS B 65 -33.55 3.83 -33.69
C CYS B 65 -34.86 4.53 -33.38
N THR B 66 -35.18 5.57 -34.15
CA THR B 66 -36.38 6.34 -33.87
C THR B 66 -37.65 5.52 -34.07
N ARG B 67 -37.72 4.73 -35.13
CA ARG B 67 -38.89 3.87 -35.33
C ARG B 67 -39.00 2.82 -34.24
N MET B 68 -37.86 2.25 -33.84
CA MET B 68 -37.86 1.26 -32.76
C MET B 68 -38.24 1.90 -31.44
N ALA B 69 -37.69 3.09 -31.16
CA ALA B 69 -38.00 3.81 -29.93
C ALA B 69 -39.49 4.06 -29.80
N THR B 70 -40.12 4.47 -30.89
CA THR B 70 -41.55 4.79 -30.84
C THR B 70 -42.36 3.54 -30.61
N ALA B 71 -41.96 2.44 -31.25
CA ALA B 71 -42.69 1.19 -31.12
C ALA B 71 -42.46 0.57 -29.75
N ILE B 72 -41.21 0.57 -29.27
CA ILE B 72 -40.95 0.12 -27.90
C ILE B 72 -41.79 0.96 -26.94
N THR B 73 -41.93 2.25 -27.25
CA THR B 73 -42.75 3.15 -26.44
C THR B 73 -44.20 2.68 -26.42
N THR B 74 -44.82 2.54 -27.60
CA THR B 74 -46.21 2.07 -27.67
C THR B 74 -46.40 0.77 -26.90
N LEU B 75 -45.49 -0.19 -27.09
CA LEU B 75 -45.59 -1.49 -26.43
C LEU B 75 -45.45 -1.39 -24.92
N PHE B 76 -44.33 -0.84 -24.42
CA PHE B 76 -44.01 -0.88 -22.99
C PHE B 76 -44.84 0.09 -22.17
N SER B 77 -45.61 0.94 -22.84
CA SER B 77 -46.52 1.88 -22.19
C SER B 77 -47.93 1.32 -22.01
N ASP B 78 -48.32 0.30 -22.77
CA ASP B 78 -49.58 -0.36 -22.53
C ASP B 78 -49.56 -0.95 -21.12
N PRO B 79 -50.48 -0.57 -20.23
CA PRO B 79 -50.39 -1.08 -18.85
C PRO B 79 -50.72 -2.56 -18.75
N VAL B 80 -51.41 -3.11 -19.76
CA VAL B 80 -51.74 -4.52 -19.82
C VAL B 80 -50.52 -5.39 -20.08
N LEU B 81 -49.48 -4.85 -20.70
CA LEU B 81 -48.31 -5.63 -21.07
C LEU B 81 -47.74 -6.37 -19.87
N GLU B 82 -47.63 -7.70 -20.01
CA GLU B 82 -47.01 -8.59 -19.04
C GLU B 82 -45.85 -9.30 -19.73
N ILE B 83 -44.74 -9.46 -19.01
CA ILE B 83 -43.52 -10.04 -19.57
C ILE B 83 -43.08 -11.23 -18.73
N SER B 84 -42.64 -12.29 -19.42
CA SER B 84 -42.13 -13.49 -18.77
C SER B 84 -40.85 -13.19 -18.03
N ASP B 85 -40.66 -13.83 -16.88
CA ASP B 85 -39.46 -13.55 -16.09
C ASP B 85 -38.23 -13.93 -16.86
N LEU B 86 -38.41 -14.77 -17.86
CA LEU B 86 -37.30 -15.12 -18.72
C LEU B 86 -36.99 -13.95 -19.60
N GLY B 87 -38.01 -13.38 -20.19
CA GLY B 87 -37.81 -12.28 -21.08
C GLY B 87 -37.13 -11.22 -20.29
N VAL B 88 -37.57 -11.05 -19.06
CA VAL B 88 -36.97 -10.05 -18.23
C VAL B 88 -35.49 -10.26 -18.23
N GLN B 89 -35.07 -11.51 -18.15
CA GLN B 89 -33.65 -11.79 -18.07
C GLN B 89 -32.98 -11.52 -19.40
N ARG B 90 -33.70 -11.81 -20.49
CA ARG B 90 -33.16 -11.56 -21.82
C ARG B 90 -33.17 -10.08 -22.14
N PHE B 91 -34.23 -9.38 -21.74
CA PHE B 91 -34.28 -7.93 -21.94
C PHE B 91 -33.21 -7.25 -21.12
N LEU B 92 -32.93 -7.74 -19.91
CA LEU B 92 -31.94 -7.09 -19.07
C LEU B 92 -30.54 -7.36 -19.58
N VAL B 93 -30.35 -8.50 -20.24
CA VAL B 93 -29.05 -8.78 -20.85
C VAL B 93 -28.84 -7.86 -22.04
N TYR B 94 -29.91 -7.59 -22.78
CA TYR B 94 -29.86 -6.74 -23.95
C TYR B 94 -30.19 -5.27 -23.63
N GLN B 95 -30.13 -4.88 -22.36
CA GLN B 95 -30.55 -3.52 -22.02
C GLN B 95 -29.68 -2.46 -22.68
N ARG B 96 -28.37 -2.72 -22.79
CA ARG B 96 -27.46 -1.80 -23.47
C ARG B 96 -27.94 -1.42 -24.86
N TRP B 97 -28.61 -2.35 -25.54
CA TRP B 97 -29.06 -2.08 -26.88
C TRP B 97 -30.40 -1.34 -26.89
N LEU B 98 -31.27 -1.64 -25.92
CA LEU B 98 -32.42 -0.76 -25.68
C LEU B 98 -31.95 0.65 -25.38
N ALA B 99 -30.83 0.77 -24.64
CA ALA B 99 -30.32 2.09 -24.28
C ALA B 99 -29.81 2.82 -25.52
N LEU B 100 -29.03 2.14 -26.36
CA LEU B 100 -28.51 2.78 -27.56
C LEU B 100 -29.63 3.08 -28.55
N ILE B 101 -30.71 2.29 -28.53
CA ILE B 101 -31.83 2.59 -29.41
C ILE B 101 -32.41 3.96 -29.04
N PHE B 102 -32.58 4.19 -27.74
CA PHE B 102 -33.16 5.45 -27.32
C PHE B 102 -32.13 6.57 -27.35
N ALA B 103 -30.85 6.25 -27.06
CA ALA B 103 -29.82 7.27 -26.92
C ALA B 103 -29.40 7.81 -28.26
N SER B 104 -29.51 7.02 -29.32
CA SER B 104 -29.20 7.50 -30.66
C SER B 104 -30.42 8.05 -31.36
N SER B 105 -31.57 7.90 -30.77
CA SER B 105 -32.78 8.59 -31.18
C SER B 105 -32.82 9.98 -30.56
N PRO B 106 -33.65 10.88 -31.07
CA PRO B 106 -33.79 12.20 -30.44
C PRO B 106 -34.35 12.13 -29.03
N PHE B 107 -34.91 11.01 -28.61
CA PHE B 107 -35.57 10.88 -27.31
C PHE B 107 -34.59 10.84 -26.17
N VAL B 108 -33.34 10.47 -26.43
CA VAL B 108 -32.28 10.30 -25.44
C VAL B 108 -32.48 9.06 -24.57
N ASN B 109 -33.64 8.94 -23.93
CA ASN B 109 -33.84 7.88 -22.94
C ASN B 109 -35.27 7.37 -23.02
N ALA B 110 -35.65 6.54 -22.04
CA ALA B 110 -37.00 5.97 -21.98
C ALA B 110 -37.80 6.55 -20.80
N ASP B 111 -37.45 7.75 -20.34
CA ASP B 111 -38.10 8.31 -19.17
C ASP B 111 -39.56 8.68 -19.45
N HIS B 112 -39.90 8.97 -20.71
CA HIS B 112 -41.30 9.17 -21.06
C HIS B 112 -42.12 7.92 -20.80
N ILE B 113 -41.50 6.74 -20.81
CA ILE B 113 -42.22 5.51 -20.48
C ILE B 113 -42.25 5.28 -18.97
N LEU B 114 -41.19 5.68 -18.26
CA LEU B 114 -41.12 5.47 -16.82
C LEU B 114 -42.13 6.33 -16.09
N GLN B 115 -42.60 7.42 -16.71
CA GLN B 115 -43.59 8.28 -16.06
C GLN B 115 -44.96 7.65 -16.06
N THR B 116 -45.19 6.77 -17.02
CA THR B 116 -46.46 6.10 -17.11
C THR B 116 -46.57 5.15 -15.98
N TYR B 117 -45.45 4.72 -15.45
CA TYR B 117 -45.45 3.73 -14.40
C TYR B 117 -45.61 4.33 -13.02
N ASN B 118 -45.62 5.64 -12.93
CA ASN B 118 -45.69 6.28 -11.61
C ASN B 118 -46.95 7.12 -11.43
N ASP B 132 -46.58 1.12 -9.08
CA ASP B 132 -47.86 0.56 -8.66
C ASP B 132 -47.67 -0.50 -7.61
N SER B 133 -46.49 -0.53 -7.01
CA SER B 133 -46.21 -1.55 -6.01
C SER B 133 -46.40 -2.92 -6.61
N SER B 134 -46.47 -3.00 -7.93
CA SER B 134 -46.55 -4.29 -8.57
C SER B 134 -45.13 -4.65 -8.87
N LYS B 135 -44.88 -5.92 -9.13
CA LYS B 135 -43.54 -6.29 -9.56
C LYS B 135 -43.35 -6.14 -11.05
N SER B 136 -44.35 -6.53 -11.86
CA SER B 136 -44.38 -6.20 -13.29
C SER B 136 -43.98 -4.74 -13.53
N SER B 137 -44.48 -3.81 -12.71
CA SER B 137 -44.14 -2.41 -12.91
C SER B 137 -42.68 -2.16 -12.55
N LEU B 138 -42.13 -2.92 -11.60
CA LEU B 138 -40.72 -2.77 -11.25
C LEU B 138 -39.83 -3.47 -12.26
N ILE B 139 -40.29 -4.62 -12.78
CA ILE B 139 -39.59 -5.26 -13.88
C ILE B 139 -39.51 -4.31 -15.06
N LYS B 140 -40.66 -3.81 -15.54
CA LYS B 140 -40.67 -2.86 -16.64
C LYS B 140 -39.87 -1.60 -16.29
N PHE B 141 -39.90 -1.17 -15.03
CA PHE B 141 -39.04 -0.07 -14.62
C PHE B 141 -37.56 -0.39 -14.85
N CYS B 142 -37.14 -1.60 -14.47
CA CYS B 142 -35.71 -1.91 -14.52
C CYS B 142 -35.24 -2.14 -15.95
N ILE B 143 -36.12 -2.70 -16.78
CA ILE B 143 -35.76 -2.90 -18.17
C ILE B 143 -35.50 -1.55 -18.83
N LEU B 144 -36.23 -0.53 -18.43
CA LEU B 144 -36.16 0.75 -19.09
C LEU B 144 -35.44 1.80 -18.25
N TYR B 145 -34.80 1.40 -17.15
CA TYR B 145 -34.00 2.33 -16.37
C TYR B 145 -32.58 2.39 -16.94
N LEU B 146 -32.44 3.22 -17.97
CA LEU B 146 -31.29 3.19 -18.86
C LEU B 146 -30.15 4.07 -18.34
N PRO B 147 -28.92 3.85 -18.81
CA PRO B 147 -27.81 4.73 -18.40
C PRO B 147 -28.04 6.21 -18.63
N GLU B 148 -28.92 6.59 -19.55
CA GLU B 148 -29.19 7.99 -19.83
C GLU B 148 -30.45 8.48 -19.13
N SER B 149 -31.01 7.66 -18.25
CA SER B 149 -32.21 8.08 -17.52
C SER B 149 -31.87 9.21 -16.55
N ASN B 150 -32.78 10.18 -16.45
CA ASN B 150 -32.62 11.30 -15.54
C ASN B 150 -33.35 11.07 -14.23
N VAL B 151 -34.07 9.97 -14.12
CA VAL B 151 -34.72 9.52 -12.89
C VAL B 151 -33.68 8.99 -11.91
N ASN B 152 -33.71 9.47 -10.64
CA ASN B 152 -32.82 8.89 -9.64
C ASN B 152 -33.48 7.69 -8.95
N LEU B 153 -32.64 6.88 -8.28
CA LEU B 153 -33.08 5.60 -7.72
C LEU B 153 -32.25 5.27 -6.51
N ASN B 154 -32.88 4.78 -5.44
CA ASN B 154 -32.15 4.26 -4.30
C ASN B 154 -32.08 2.74 -4.40
N LEU B 155 -30.86 2.21 -4.48
CA LEU B 155 -30.66 0.77 -4.66
C LEU B 155 -30.77 0.01 -3.34
N ASP B 156 -30.55 0.67 -2.20
CA ASP B 156 -30.78 0.01 -0.92
C ASP B 156 -32.24 -0.40 -0.79
N VAL B 157 -33.15 0.50 -1.14
CA VAL B 157 -34.58 0.22 -1.06
C VAL B 157 -34.94 -0.96 -1.96
N MET B 158 -34.43 -0.95 -3.20
CA MET B 158 -34.79 -1.98 -4.18
C MET B 158 -34.19 -3.33 -3.84
N TRP B 159 -32.96 -3.36 -3.32
CA TRP B 159 -32.35 -4.62 -2.90
C TRP B 159 -33.22 -5.31 -1.87
N ASN B 160 -33.83 -4.51 -0.98
CA ASN B 160 -34.70 -5.00 0.06
C ASN B 160 -35.92 -5.72 -0.52
N ILE B 161 -36.33 -5.40 -1.75
CA ILE B 161 -37.49 -6.01 -2.39
C ILE B 161 -37.09 -7.21 -3.25
N SER B 162 -36.18 -6.98 -4.21
CA SER B 162 -35.70 -8.03 -5.12
C SER B 162 -34.22 -7.80 -5.35
N PRO B 163 -33.37 -8.43 -4.54
CA PRO B 163 -31.93 -8.28 -4.73
C PRO B 163 -31.45 -8.83 -6.06
N GLU B 164 -32.14 -9.84 -6.58
CA GLU B 164 -31.77 -10.42 -7.85
C GLU B 164 -32.14 -9.47 -8.99
N LEU B 165 -33.31 -8.83 -8.90
CA LEU B 165 -33.68 -7.80 -9.87
C LEU B 165 -32.74 -6.61 -9.76
N CYS B 166 -32.51 -6.14 -8.54
CA CYS B 166 -31.56 -5.05 -8.30
C CYS B 166 -30.20 -5.41 -8.91
N ALA B 167 -29.69 -6.61 -8.59
CA ALA B 167 -28.44 -7.05 -9.18
C ALA B 167 -28.55 -7.10 -10.71
N SER B 168 -29.70 -7.54 -11.24
CA SER B 168 -29.86 -7.63 -12.69
C SER B 168 -29.76 -6.25 -13.35
N LEU B 169 -30.34 -5.23 -12.72
CA LEU B 169 -30.20 -3.87 -13.23
C LEU B 169 -28.74 -3.43 -13.15
N CYS B 170 -28.11 -3.64 -11.98
CA CYS B 170 -26.73 -3.25 -11.78
C CYS B 170 -25.81 -3.89 -12.82
N PHE B 171 -26.11 -5.13 -13.22
CA PHE B 171 -25.33 -5.76 -14.29
C PHE B 171 -25.53 -5.02 -15.60
N ALA B 172 -26.79 -4.77 -15.97
CA ALA B 172 -27.10 -4.21 -17.26
C ALA B 172 -26.62 -2.77 -17.38
N LEU B 173 -26.45 -2.08 -16.25
CA LEU B 173 -25.95 -0.71 -16.29
C LEU B 173 -24.43 -0.66 -16.31
N GLN B 174 -23.77 -1.82 -16.21
CA GLN B 174 -22.32 -1.95 -16.25
C GLN B 174 -21.83 -2.61 -17.51
N SER B 175 -22.73 -3.21 -18.29
CA SER B 175 -22.46 -3.93 -19.52
C SER B 175 -22.16 -3.02 -20.70
N PRO B 176 -22.69 -1.79 -20.81
CA PRO B 176 -22.38 -0.97 -22.00
C PRO B 176 -20.91 -0.61 -22.10
N ARG B 177 -20.38 -0.70 -23.32
CA ARG B 177 -19.02 -0.29 -23.58
C ARG B 177 -18.88 1.23 -23.53
N PHE B 178 -19.88 1.96 -24.03
CA PHE B 178 -19.91 3.43 -23.91
C PHE B 178 -20.80 3.83 -22.73
N VAL B 179 -20.18 4.38 -21.68
CA VAL B 179 -20.89 4.99 -20.55
C VAL B 179 -20.17 6.30 -20.28
N GLY B 180 -19.82 7.01 -21.35
CA GLY B 180 -18.93 8.16 -21.22
C GLY B 180 -19.58 9.43 -20.79
N THR B 181 -20.90 9.53 -20.96
CA THR B 181 -21.64 10.72 -20.59
C THR B 181 -21.70 10.81 -19.07
N SER B 182 -21.72 12.06 -18.57
CA SER B 182 -21.83 12.31 -17.14
C SER B 182 -22.96 11.49 -16.51
N THR B 183 -24.13 11.46 -17.17
CA THR B 183 -25.30 10.77 -16.62
C THR B 183 -25.06 9.27 -16.50
N ALA B 184 -24.37 8.69 -17.48
CA ALA B 184 -24.13 7.26 -17.55
C ALA B 184 -22.92 6.86 -16.72
N PHE B 185 -21.86 7.66 -16.76
CA PHE B 185 -20.66 7.37 -15.99
C PHE B 185 -20.95 7.40 -14.50
N ASN B 186 -21.79 8.35 -14.05
CA ASN B 186 -22.09 8.49 -12.64
C ASN B 186 -22.85 7.29 -12.12
N LYS B 187 -23.83 6.79 -12.89
CA LYS B 187 -24.57 5.60 -12.48
C LYS B 187 -23.64 4.40 -12.31
N ARG B 188 -22.72 4.18 -13.26
CA ARG B 188 -21.83 3.03 -13.15
C ARG B 188 -20.83 3.20 -12.02
N ALA B 189 -20.34 4.44 -11.80
CA ALA B 189 -19.41 4.70 -10.71
C ALA B 189 -20.07 4.44 -9.37
N THR B 190 -21.37 4.79 -9.25
CA THR B 190 -22.09 4.54 -8.01
C THR B 190 -22.25 3.05 -7.77
N ILE B 191 -22.66 2.33 -8.80
CA ILE B 191 -22.83 0.88 -8.73
C ILE B 191 -21.52 0.22 -8.34
N LEU B 192 -20.39 0.81 -8.75
CA LEU B 192 -19.11 0.18 -8.50
C LEU B 192 -18.74 0.27 -7.03
N GLN B 193 -19.34 1.22 -6.33
CA GLN B 193 -19.16 1.44 -4.90
C GLN B 193 -20.18 0.66 -4.07
N TRP B 194 -21.44 0.76 -4.47
CA TRP B 194 -22.54 0.16 -3.73
C TRP B 194 -22.66 -1.35 -3.99
N PHE B 195 -22.64 -1.76 -5.26
CA PHE B 195 -23.01 -3.13 -5.62
C PHE B 195 -22.05 -4.22 -5.12
N PRO B 196 -20.71 -4.05 -5.08
CA PRO B 196 -19.84 -5.20 -4.70
C PRO B 196 -20.28 -5.94 -3.44
N ARG B 197 -20.54 -5.22 -2.35
CA ARG B 197 -20.94 -5.82 -1.08
C ARG B 197 -22.28 -6.54 -1.18
N HIS B 198 -23.12 -6.15 -2.13
CA HIS B 198 -24.42 -6.79 -2.33
C HIS B 198 -24.31 -8.01 -3.25
N LEU B 199 -23.45 -7.97 -4.26
CA LEU B 199 -23.19 -9.16 -5.07
C LEU B 199 -22.59 -10.28 -4.21
N ASP B 200 -21.70 -9.93 -3.28
CA ASP B 200 -21.09 -10.91 -2.39
C ASP B 200 -22.14 -11.70 -1.61
N GLN B 201 -23.31 -11.12 -1.36
CA GLN B 201 -24.36 -11.83 -0.63
C GLN B 201 -25.05 -12.89 -1.48
N LEU B 202 -25.05 -12.74 -2.81
CA LEU B 202 -25.74 -13.72 -3.65
C LEU B 202 -24.99 -15.05 -3.62
N LYS B 203 -25.73 -16.13 -3.88
CA LYS B 203 -25.20 -17.48 -3.75
C LYS B 203 -24.97 -18.20 -5.09
N ASN B 204 -25.53 -17.69 -6.19
CA ASN B 204 -25.33 -18.28 -7.51
C ASN B 204 -25.65 -17.25 -8.58
N LEU B 205 -25.31 -17.58 -9.82
CA LEU B 205 -25.58 -16.74 -10.97
C LEU B 205 -26.89 -17.07 -11.62
N ASN B 206 -27.86 -17.59 -10.84
CA ASN B 206 -29.00 -18.28 -11.40
C ASN B 206 -30.10 -17.34 -11.86
N ASN B 207 -30.26 -16.19 -11.20
CA ASN B 207 -31.34 -15.28 -11.53
C ASN B 207 -30.81 -13.89 -11.82
N ILE B 208 -29.56 -13.82 -12.27
CA ILE B 208 -28.95 -12.57 -12.69
C ILE B 208 -28.40 -12.78 -14.09
N PRO B 209 -28.19 -11.72 -14.85
CA PRO B 209 -27.79 -11.87 -16.25
C PRO B 209 -26.36 -12.35 -16.41
N SER B 210 -26.13 -13.66 -16.23
CA SER B 210 -24.77 -14.18 -16.25
C SER B 210 -24.11 -13.92 -17.60
N ALA B 211 -24.91 -13.90 -18.68
CA ALA B 211 -24.33 -13.79 -20.03
C ALA B 211 -23.50 -12.53 -20.21
N ILE B 212 -23.68 -11.52 -19.36
CA ILE B 212 -22.83 -10.33 -19.45
C ILE B 212 -21.90 -10.23 -18.24
N SER B 213 -21.54 -11.37 -17.62
CA SER B 213 -20.64 -11.33 -16.48
C SER B 213 -19.27 -10.80 -16.87
N HIS B 214 -18.79 -11.19 -18.06
CA HIS B 214 -17.45 -10.82 -18.44
C HIS B 214 -17.37 -9.32 -18.70
N ASP B 215 -18.46 -8.74 -19.20
CA ASP B 215 -18.51 -7.30 -19.41
C ASP B 215 -18.55 -6.54 -18.09
N VAL B 216 -19.30 -7.04 -17.10
CA VAL B 216 -19.32 -6.41 -15.78
C VAL B 216 -17.93 -6.44 -15.17
N TYR B 217 -17.22 -7.56 -15.36
CA TYR B 217 -15.92 -7.85 -14.76
C TYR B 217 -14.80 -7.02 -15.38
N ALA B 218 -14.91 -6.64 -16.65
CA ALA B 218 -13.86 -5.93 -17.35
C ALA B 218 -14.10 -4.43 -17.43
N HIS B 219 -15.35 -4.00 -17.59
CA HIS B 219 -15.64 -2.58 -17.76
C HIS B 219 -15.34 -1.78 -16.49
N CYS B 220 -15.20 -2.42 -15.34
CA CYS B 220 -14.94 -1.68 -14.11
C CYS B 220 -13.61 -0.94 -14.18
N SER B 221 -12.67 -1.39 -15.02
CA SER B 221 -11.34 -0.78 -15.09
C SER B 221 -11.33 0.57 -15.81
N TYR B 222 -12.45 0.99 -16.39
CA TYR B 222 -12.59 2.23 -17.14
C TYR B 222 -13.20 3.34 -16.30
N ASP B 223 -13.48 3.05 -15.03
CA ASP B 223 -13.91 4.05 -14.05
C ASP B 223 -12.68 4.72 -13.44
N THR B 224 -12.90 5.84 -12.77
CA THR B 224 -11.84 6.64 -12.18
C THR B 224 -11.67 6.37 -10.69
N SER B 225 -12.42 5.45 -10.13
CA SER B 225 -12.32 5.15 -8.71
C SER B 225 -11.08 4.31 -8.41
N VAL B 226 -10.54 4.47 -7.20
CA VAL B 226 -9.39 3.68 -6.77
C VAL B 226 -9.81 2.24 -6.49
N ASN B 227 -11.06 2.02 -6.06
CA ASN B 227 -11.59 0.71 -5.72
C ASN B 227 -12.49 0.18 -6.83
N LYS B 228 -12.31 0.66 -8.06
CA LYS B 228 -13.20 0.28 -9.17
C LYS B 228 -13.28 -1.21 -9.39
N HIS B 229 -12.27 -1.98 -8.98
CA HIS B 229 -12.24 -3.42 -9.24
C HIS B 229 -12.90 -4.25 -8.14
N ASP B 230 -13.33 -3.63 -7.03
CA ASP B 230 -13.95 -4.35 -5.91
C ASP B 230 -15.00 -5.34 -6.43
N VAL B 231 -15.79 -4.92 -7.43
CA VAL B 231 -16.86 -5.78 -7.92
C VAL B 231 -16.32 -7.11 -8.43
N LYS B 232 -15.01 -7.20 -8.68
CA LYS B 232 -14.44 -8.41 -9.22
C LYS B 232 -14.33 -9.49 -8.14
N ARG B 233 -13.95 -9.12 -6.90
CA ARG B 233 -13.96 -10.09 -5.81
C ARG B 233 -15.33 -10.73 -5.68
N ALA B 234 -16.35 -9.89 -5.53
CA ALA B 234 -17.71 -10.39 -5.35
C ALA B 234 -18.11 -11.30 -6.48
N LEU B 235 -17.80 -10.92 -7.72
CA LEU B 235 -18.17 -11.76 -8.84
C LEU B 235 -17.44 -13.10 -8.78
N ASN B 236 -16.14 -13.06 -8.44
CA ASN B 236 -15.38 -14.29 -8.29
C ASN B 236 -16.02 -15.19 -7.22
N HIS B 237 -16.26 -14.62 -6.03
CA HIS B 237 -16.91 -15.34 -4.95
C HIS B 237 -18.19 -16.02 -5.41
N VAL B 238 -19.07 -15.27 -6.09
CA VAL B 238 -20.33 -15.84 -6.55
C VAL B 238 -20.07 -16.95 -7.59
N ILE B 239 -19.26 -16.66 -8.61
CA ILE B 239 -18.88 -17.68 -9.60
C ILE B 239 -18.38 -18.97 -8.93
N ARG B 240 -17.46 -18.84 -7.98
CA ARG B 240 -16.95 -19.99 -7.24
C ARG B 240 -18.08 -20.77 -6.58
N ARG B 241 -18.96 -20.06 -5.87
CA ARG B 241 -20.12 -20.71 -5.26
C ARG B 241 -21.01 -21.34 -6.31
N HIS B 242 -21.13 -20.72 -7.48
CA HIS B 242 -21.98 -21.27 -8.53
C HIS B 242 -21.41 -22.58 -9.06
N ILE B 243 -20.10 -22.62 -9.36
CA ILE B 243 -19.50 -23.84 -9.92
C ILE B 243 -19.42 -24.94 -8.86
N GLU B 244 -19.24 -24.58 -7.58
CA GLU B 244 -19.23 -25.60 -6.53
C GLU B 244 -20.60 -26.28 -6.43
N SER B 245 -21.68 -25.50 -6.42
CA SER B 245 -23.02 -26.02 -6.19
C SER B 245 -23.71 -26.51 -7.46
N GLU B 246 -23.62 -25.77 -8.55
CA GLU B 246 -24.40 -26.09 -9.74
C GLU B 246 -23.66 -27.01 -10.68
N TYR B 247 -22.35 -27.01 -10.59
CA TYR B 247 -21.53 -27.83 -11.45
C TYR B 247 -20.91 -28.99 -10.69
N GLY B 248 -20.80 -28.86 -9.38
CA GLY B 248 -20.24 -29.92 -8.57
C GLY B 248 -18.76 -29.92 -8.68
N TRP B 249 -18.21 -28.77 -9.00
CA TRP B 249 -16.80 -28.69 -9.22
C TRP B 249 -16.04 -29.25 -8.08
N LYS B 250 -14.99 -29.99 -8.42
CA LYS B 250 -14.11 -30.47 -7.41
C LYS B 250 -12.77 -30.04 -7.96
N ASP B 251 -11.99 -29.33 -7.16
CA ASP B 251 -10.69 -28.89 -7.58
C ASP B 251 -9.70 -30.02 -7.71
N ARG B 252 -8.62 -29.76 -8.44
CA ARG B 252 -7.58 -30.77 -8.63
C ARG B 252 -6.62 -30.76 -7.46
N ASP B 253 -6.18 -31.96 -7.07
CA ASP B 253 -5.02 -32.05 -6.19
C ASP B 253 -3.78 -31.61 -6.95
N VAL B 254 -3.11 -30.56 -6.49
CA VAL B 254 -2.01 -29.99 -7.24
C VAL B 254 -0.65 -30.29 -6.63
N ALA B 255 -0.57 -31.18 -5.64
CA ALA B 255 0.75 -31.46 -5.07
C ALA B 255 1.65 -32.17 -6.08
N HIS B 256 1.09 -32.93 -7.02
CA HIS B 256 1.86 -33.70 -7.98
C HIS B 256 1.80 -33.09 -9.37
N ILE B 257 2.97 -32.80 -9.93
CA ILE B 257 3.08 -32.34 -11.31
C ILE B 257 3.46 -33.54 -12.17
N GLY B 258 3.27 -33.38 -13.47
CA GLY B 258 3.64 -34.37 -14.44
C GLY B 258 4.54 -33.73 -15.47
N TYR B 259 5.04 -34.56 -16.38
CA TYR B 259 6.07 -34.16 -17.31
C TYR B 259 5.71 -34.69 -18.69
N ARG B 260 5.94 -33.85 -19.70
CA ARG B 260 5.76 -34.21 -21.09
C ARG B 260 7.00 -33.75 -21.85
N ASN B 261 7.53 -34.62 -22.71
CA ASN B 261 8.80 -34.41 -23.39
C ASN B 261 9.92 -33.98 -22.41
N ASN B 262 9.88 -34.59 -21.23
CA ASN B 262 10.88 -34.43 -20.18
C ASN B 262 11.00 -32.97 -19.70
N LYS B 263 9.88 -32.23 -19.74
CA LYS B 263 9.77 -30.88 -19.16
C LYS B 263 8.44 -30.76 -18.43
N PRO B 264 8.36 -29.94 -17.38
CA PRO B 264 7.07 -29.66 -16.73
C PRO B 264 6.10 -28.95 -17.65
N VAL B 265 4.81 -29.16 -17.41
CA VAL B 265 3.76 -28.73 -18.35
C VAL B 265 3.12 -27.41 -17.92
N MET B 266 3.17 -26.43 -18.82
CA MET B 266 2.42 -25.18 -18.72
C MET B 266 1.17 -25.27 -19.60
N VAL B 267 -0.01 -25.11 -19.00
CA VAL B 267 -1.26 -25.03 -19.74
C VAL B 267 -1.66 -23.58 -19.91
N VAL B 268 -1.89 -23.15 -21.15
CA VAL B 268 -2.28 -21.78 -21.44
C VAL B 268 -3.73 -21.77 -21.90
N LEU B 269 -4.63 -21.23 -21.05
CA LEU B 269 -5.99 -20.92 -21.51
C LEU B 269 -5.98 -19.57 -22.21
N LEU B 270 -6.54 -19.54 -23.42
CA LEU B 270 -6.49 -18.36 -24.25
C LEU B 270 -7.82 -17.63 -24.34
N GLU B 271 -7.72 -16.39 -24.77
CA GLU B 271 -8.83 -15.46 -24.92
C GLU B 271 -8.40 -14.55 -26.05
N HIS B 272 -9.05 -14.63 -27.20
CA HIS B 272 -8.73 -13.76 -28.33
C HIS B 272 -7.23 -13.78 -28.67
N PHE B 273 -6.70 -14.98 -28.98
CA PHE B 273 -5.30 -15.16 -29.37
C PHE B 273 -5.26 -15.42 -30.88
N HIS B 274 -4.70 -14.46 -31.64
CA HIS B 274 -4.64 -14.59 -33.09
C HIS B 274 -3.46 -13.75 -33.59
N SER B 275 -2.84 -14.20 -34.70
CA SER B 275 -1.60 -13.57 -35.16
C SER B 275 -1.82 -12.16 -35.65
N ALA B 276 -3.08 -11.79 -35.90
CA ALA B 276 -3.37 -10.43 -36.26
C ALA B 276 -3.74 -9.53 -35.09
N HIS B 277 -3.89 -9.98 -33.84
CA HIS B 277 -3.96 -8.85 -32.91
C HIS B 277 -2.99 -9.04 -31.71
N SER B 278 -3.28 -8.18 -30.75
CA SER B 278 -2.31 -7.66 -29.79
C SER B 278 -1.71 -8.71 -28.87
N ILE B 279 -2.53 -9.60 -28.31
CA ILE B 279 -1.99 -10.58 -27.37
C ILE B 279 -0.90 -11.41 -28.02
N TYR B 280 -1.15 -11.89 -29.25
CA TYR B 280 -0.13 -12.62 -29.98
C TYR B 280 1.12 -11.77 -30.14
N ARG B 281 0.96 -10.52 -30.60
CA ARG B 281 2.12 -9.66 -30.83
C ARG B 281 2.87 -9.38 -29.54
N THR B 282 2.17 -9.28 -28.41
CA THR B 282 2.83 -8.89 -27.18
C THR B 282 3.33 -10.07 -26.37
N HIS B 283 2.64 -11.22 -26.42
CA HIS B 283 3.01 -12.28 -25.51
C HIS B 283 3.47 -13.56 -26.19
N SER B 284 3.44 -13.65 -27.52
CA SER B 284 3.76 -14.92 -28.15
C SER B 284 5.24 -15.24 -28.01
N THR B 285 6.10 -14.22 -28.19
CA THR B 285 7.53 -14.45 -28.05
C THR B 285 7.88 -14.99 -26.67
N SER B 286 7.29 -14.40 -25.63
CA SER B 286 7.65 -14.84 -24.27
C SER B 286 7.17 -16.26 -24.01
N MET B 287 6.14 -16.73 -24.72
CA MET B 287 5.71 -18.12 -24.52
C MET B 287 6.56 -19.09 -25.33
N ILE B 288 6.95 -18.68 -26.54
CA ILE B 288 7.81 -19.54 -27.35
C ILE B 288 9.15 -19.75 -26.63
N ALA B 289 9.63 -18.71 -25.94
CA ALA B 289 10.90 -18.84 -25.21
C ALA B 289 10.73 -19.71 -23.96
N ALA B 290 9.52 -19.73 -23.39
CA ALA B 290 9.22 -20.57 -22.23
C ALA B 290 9.28 -22.04 -22.54
N ARG B 291 9.34 -22.39 -23.82
CA ARG B 291 9.39 -23.80 -24.21
C ARG B 291 10.79 -24.37 -24.01
N GLU B 292 11.77 -23.51 -23.69
CA GLU B 292 13.06 -23.97 -23.23
C GLU B 292 12.92 -24.77 -21.95
N HIS B 293 11.92 -24.45 -21.13
CA HIS B 293 11.79 -25.04 -19.81
C HIS B 293 10.48 -25.78 -19.60
N PHE B 294 9.48 -25.57 -20.45
CA PHE B 294 8.14 -26.12 -20.25
C PHE B 294 7.63 -26.72 -21.55
N TYR B 295 6.75 -27.72 -21.41
CA TYR B 295 5.89 -28.16 -22.50
C TYR B 295 4.59 -27.36 -22.47
N LEU B 296 4.27 -26.64 -23.55
CA LEU B 296 3.16 -25.69 -23.57
C LEU B 296 1.92 -26.23 -24.29
N ILE B 297 0.84 -26.40 -23.54
CA ILE B 297 -0.46 -26.79 -24.07
C ILE B 297 -1.36 -25.56 -24.13
N GLY B 298 -1.68 -25.09 -25.33
CA GLY B 298 -2.63 -24.00 -25.50
C GLY B 298 -4.05 -24.49 -25.69
N LEU B 299 -5.00 -23.96 -24.90
CA LEU B 299 -6.42 -24.22 -25.08
C LEU B 299 -7.10 -22.95 -25.61
N GLY B 300 -7.81 -23.08 -26.74
CA GLY B 300 -8.37 -21.89 -27.36
C GLY B 300 -9.63 -22.15 -28.15
N SER B 301 -10.09 -21.11 -28.84
CA SER B 301 -11.32 -21.13 -29.63
C SER B 301 -11.00 -21.38 -31.10
N PRO B 302 -12.03 -21.63 -31.94
CA PRO B 302 -11.76 -21.82 -33.37
C PRO B 302 -11.16 -20.60 -34.02
N SER B 303 -11.09 -19.49 -33.27
CA SER B 303 -10.48 -18.26 -33.75
C SER B 303 -8.95 -18.32 -33.81
N VAL B 304 -8.30 -19.07 -32.90
CA VAL B 304 -6.84 -19.09 -32.89
C VAL B 304 -6.36 -19.69 -34.21
N ASP B 305 -5.54 -18.94 -34.94
CA ASP B 305 -5.16 -19.36 -36.29
C ASP B 305 -3.94 -20.26 -36.24
N GLN B 306 -3.49 -20.70 -37.43
CA GLN B 306 -2.37 -21.62 -37.50
C GLN B 306 -1.13 -21.03 -36.82
N ALA B 307 -0.86 -19.75 -37.07
CA ALA B 307 0.26 -19.11 -36.40
C ALA B 307 0.09 -19.14 -34.88
N GLY B 308 -1.12 -18.85 -34.39
CA GLY B 308 -1.36 -18.80 -32.97
C GLY B 308 -1.32 -20.17 -32.30
N GLN B 309 -1.69 -21.21 -33.03
CA GLN B 309 -1.63 -22.56 -32.49
C GLN B 309 -0.20 -23.06 -32.43
N GLU B 310 0.64 -22.57 -33.34
CA GLU B 310 2.05 -22.97 -33.44
C GLU B 310 2.91 -22.38 -32.32
N VAL B 311 2.40 -21.39 -31.58
CA VAL B 311 3.13 -20.88 -30.43
C VAL B 311 3.40 -22.00 -29.45
N PHE B 312 2.46 -22.92 -29.33
CA PHE B 312 2.43 -23.94 -28.30
C PHE B 312 2.90 -25.28 -28.84
N ASP B 313 3.48 -26.08 -27.94
CA ASP B 313 3.80 -27.46 -28.27
C ASP B 313 2.57 -28.24 -28.68
N GLU B 314 1.45 -28.01 -28.00
CA GLU B 314 0.20 -28.75 -28.14
C GLU B 314 -0.96 -27.76 -28.13
N PHE B 315 -1.94 -27.95 -29.03
CA PHE B 315 -3.12 -27.08 -29.06
C PHE B 315 -4.41 -27.87 -29.05
N HIS B 316 -5.36 -27.45 -28.19
CA HIS B 316 -6.68 -28.04 -28.11
C HIS B 316 -7.73 -26.93 -28.13
N LEU B 317 -8.87 -27.22 -28.78
CA LEU B 317 -10.01 -26.32 -28.69
C LEU B 317 -10.75 -26.59 -27.38
N VAL B 318 -11.10 -25.54 -26.64
CA VAL B 318 -11.84 -25.76 -25.40
C VAL B 318 -13.23 -26.26 -25.78
N ALA B 319 -13.54 -27.49 -25.40
CA ALA B 319 -14.72 -28.18 -25.87
C ALA B 319 -15.81 -28.17 -24.82
N GLY B 320 -17.05 -28.11 -25.29
CA GLY B 320 -18.21 -28.15 -24.44
C GLY B 320 -19.32 -27.28 -24.98
N ASP B 321 -20.53 -27.60 -24.53
CA ASP B 321 -21.74 -26.85 -24.87
C ASP B 321 -22.20 -25.95 -23.74
N ASN B 322 -21.62 -26.08 -22.56
CA ASN B 322 -21.92 -25.22 -21.43
C ASN B 322 -20.61 -25.01 -20.68
N MET B 323 -20.61 -24.00 -19.80
CA MET B 323 -19.39 -23.68 -19.05
C MET B 323 -18.94 -24.86 -18.20
N LYS B 324 -19.88 -25.67 -17.71
CA LYS B 324 -19.49 -26.85 -16.95
C LYS B 324 -18.60 -27.76 -17.79
N GLN B 325 -19.07 -28.12 -18.99
CA GLN B 325 -18.33 -29.00 -19.88
C GLN B 325 -16.96 -28.42 -20.24
N LYS B 326 -16.91 -27.11 -20.47
CA LYS B 326 -15.64 -26.49 -20.85
C LYS B 326 -14.68 -26.50 -19.67
N LEU B 327 -15.17 -26.23 -18.47
CA LEU B 327 -14.32 -26.30 -17.28
C LEU B 327 -13.85 -27.73 -17.03
N GLU B 328 -14.67 -28.71 -17.39
CA GLU B 328 -14.30 -30.10 -17.21
C GLU B 328 -13.27 -30.53 -18.25
N PHE B 329 -13.34 -29.96 -19.47
CA PHE B 329 -12.32 -30.25 -20.48
C PHE B 329 -10.98 -29.66 -20.08
N ILE B 330 -10.99 -28.40 -19.62
CA ILE B 330 -9.76 -27.77 -19.16
C ILE B 330 -9.15 -28.56 -18.01
N ARG B 331 -10.00 -29.13 -17.15
CA ARG B 331 -9.52 -29.96 -16.05
C ARG B 331 -8.83 -31.22 -16.57
N SER B 332 -9.52 -31.96 -17.46
CA SER B 332 -8.97 -33.23 -17.95
C SER B 332 -7.63 -33.02 -18.62
N VAL B 333 -7.46 -31.89 -19.31
CA VAL B 333 -6.16 -31.56 -19.88
C VAL B 333 -5.14 -31.39 -18.76
N CYS B 334 -5.50 -30.61 -17.75
CA CYS B 334 -4.60 -30.33 -16.64
C CYS B 334 -4.33 -31.56 -15.80
N GLU B 335 -5.25 -32.53 -15.80
CA GLU B 335 -5.11 -33.78 -15.05
C GLU B 335 -4.37 -34.85 -15.85
N SER B 336 -4.74 -35.06 -17.12
CA SER B 336 -4.02 -35.99 -17.98
C SER B 336 -2.53 -35.66 -18.01
N ASN B 337 -2.18 -34.40 -18.14
CA ASN B 337 -0.81 -33.97 -18.00
C ASN B 337 -0.69 -33.49 -16.56
N GLY B 338 0.52 -33.36 -16.06
CA GLY B 338 0.63 -32.92 -14.68
C GLY B 338 0.81 -31.42 -14.61
N ALA B 339 -0.27 -30.66 -14.74
CA ALA B 339 -0.10 -29.22 -14.88
C ALA B 339 0.76 -28.66 -13.75
N ALA B 340 1.77 -27.90 -14.14
CA ALA B 340 2.62 -27.17 -13.22
C ALA B 340 2.28 -25.70 -13.21
N ILE B 341 1.85 -25.17 -14.36
CA ILE B 341 1.51 -23.77 -14.56
C ILE B 341 0.17 -23.72 -15.31
N PHE B 342 -0.79 -22.97 -14.77
CA PHE B 342 -1.98 -22.54 -15.50
C PHE B 342 -1.80 -21.04 -15.78
N TYR B 343 -1.77 -20.66 -17.06
CA TYR B 343 -1.35 -19.33 -17.48
C TYR B 343 -2.42 -18.71 -18.36
N MET B 344 -2.94 -17.55 -17.97
CA MET B 344 -3.87 -16.81 -18.81
C MET B 344 -3.24 -15.50 -19.20
N PRO B 345 -2.86 -15.31 -20.46
CA PRO B 345 -2.30 -14.03 -20.87
C PRO B 345 -3.31 -12.88 -20.81
N SER B 346 -4.59 -13.20 -20.96
CA SER B 346 -5.67 -12.21 -20.95
C SER B 346 -6.81 -12.78 -20.10
N ILE B 347 -7.25 -12.01 -19.10
CA ILE B 347 -8.34 -12.40 -18.23
C ILE B 347 -9.39 -11.27 -18.23
N GLY B 348 -10.60 -11.58 -18.70
CA GLY B 348 -11.67 -10.59 -18.75
C GLY B 348 -12.51 -10.48 -20.02
N MET B 349 -12.00 -10.91 -21.18
CA MET B 349 -12.81 -10.83 -22.40
C MET B 349 -13.89 -11.89 -22.47
N ASP B 350 -13.62 -13.08 -21.94
CA ASP B 350 -14.53 -14.22 -21.94
C ASP B 350 -14.78 -14.73 -20.53
N MET B 351 -15.99 -15.24 -20.28
CA MET B 351 -16.29 -15.79 -18.96
C MET B 351 -15.43 -17.02 -18.63
N THR B 352 -15.11 -17.84 -19.64
CA THR B 352 -14.31 -19.05 -19.42
C THR B 352 -13.07 -18.76 -18.58
N THR B 353 -12.26 -17.79 -19.00
CA THR B 353 -11.06 -17.50 -18.22
C THR B 353 -11.43 -17.07 -16.80
N ILE B 354 -12.46 -16.23 -16.67
CA ILE B 354 -12.88 -15.74 -15.36
C ILE B 354 -13.35 -16.90 -14.49
N PHE B 355 -14.14 -17.80 -15.06
CA PHE B 355 -14.58 -18.99 -14.34
C PHE B 355 -13.39 -19.86 -13.97
N ALA B 356 -12.56 -20.22 -14.97
CA ALA B 356 -11.32 -20.93 -14.70
C ALA B 356 -10.43 -20.20 -13.71
N SER B 357 -10.54 -18.87 -13.61
CA SER B 357 -9.77 -18.14 -12.60
C SER B 357 -10.21 -18.47 -11.19
N ASN B 358 -11.37 -19.09 -11.03
CA ASN B 358 -11.90 -19.42 -9.73
C ASN B 358 -11.85 -20.92 -9.46
N THR B 359 -10.89 -21.60 -10.08
CA THR B 359 -10.66 -23.02 -9.83
C THR B 359 -9.19 -23.20 -9.50
N ARG B 360 -8.84 -24.43 -9.11
CA ARG B 360 -7.45 -24.81 -8.92
C ARG B 360 -7.15 -25.96 -9.86
N LEU B 361 -6.26 -25.69 -10.83
CA LEU B 361 -5.90 -26.71 -11.81
C LEU B 361 -4.41 -27.01 -11.84
N ALA B 362 -3.59 -26.21 -11.17
CA ALA B 362 -2.15 -26.38 -11.18
C ALA B 362 -1.59 -25.63 -9.99
N PRO B 363 -0.44 -26.04 -9.46
CA PRO B 363 0.01 -25.41 -8.20
C PRO B 363 0.36 -23.95 -8.37
N ILE B 364 0.94 -23.58 -9.50
CA ILE B 364 1.26 -22.19 -9.83
C ILE B 364 0.25 -21.71 -10.87
N GLN B 365 -0.52 -20.67 -10.54
CA GLN B 365 -1.51 -20.09 -11.44
C GLN B 365 -1.25 -18.59 -11.56
N ALA B 366 -1.08 -18.12 -12.79
CA ALA B 366 -0.63 -16.76 -13.05
C ALA B 366 -1.39 -16.14 -14.23
N ILE B 367 -1.46 -14.81 -14.26
CA ILE B 367 -2.05 -14.11 -15.40
C ILE B 367 -1.07 -13.06 -15.94
N ALA B 368 -1.32 -12.65 -17.18
CA ALA B 368 -0.74 -11.44 -17.74
C ALA B 368 -1.83 -10.39 -17.91
N LEU B 369 -1.42 -9.20 -18.34
CA LEU B 369 -2.33 -8.09 -18.38
C LEU B 369 -2.81 -7.76 -19.80
N GLY B 370 -3.21 -8.79 -20.56
CA GLY B 370 -3.90 -8.53 -21.82
C GLY B 370 -5.08 -7.61 -21.62
N HIS B 371 -5.77 -7.81 -20.50
CA HIS B 371 -6.65 -6.84 -19.89
C HIS B 371 -5.92 -6.42 -18.61
N PRO B 372 -5.48 -5.15 -18.49
CA PRO B 372 -4.63 -4.70 -17.36
C PRO B 372 -5.40 -4.42 -16.07
N ALA B 373 -5.88 -5.48 -15.41
CA ALA B 373 -6.67 -5.30 -14.20
C ALA B 373 -6.48 -6.52 -13.31
N THR B 374 -6.27 -6.28 -12.02
CA THR B 374 -6.22 -7.36 -11.05
C THR B 374 -7.46 -8.24 -11.08
N THR B 375 -7.26 -9.55 -10.86
CA THR B 375 -8.35 -10.51 -10.83
C THR B 375 -9.15 -10.44 -9.54
N HIS B 376 -8.47 -10.19 -8.41
CA HIS B 376 -9.08 -10.38 -7.09
C HIS B 376 -9.51 -11.83 -6.87
N SER B 377 -8.68 -12.74 -7.37
CA SER B 377 -8.87 -14.17 -7.21
C SER B 377 -7.85 -14.76 -6.26
N ASP B 378 -8.36 -15.44 -5.22
CA ASP B 378 -7.50 -16.22 -4.33
C ASP B 378 -6.83 -17.40 -5.03
N PHE B 379 -7.28 -17.77 -6.22
CA PHE B 379 -6.70 -18.89 -6.96
C PHE B 379 -5.63 -18.48 -7.96
N ILE B 380 -5.30 -17.19 -8.05
CA ILE B 380 -4.24 -16.70 -8.92
C ILE B 380 -3.16 -16.10 -8.03
N GLU B 381 -1.94 -16.59 -8.19
CA GLU B 381 -0.84 -16.21 -7.32
C GLU B 381 -0.04 -15.05 -7.89
N TYR B 382 0.26 -15.10 -9.18
CA TYR B 382 1.23 -14.23 -9.81
C TYR B 382 0.63 -13.42 -10.96
N VAL B 383 1.28 -12.29 -11.27
CA VAL B 383 0.98 -11.48 -12.43
C VAL B 383 2.28 -11.20 -13.17
N ILE B 384 2.38 -11.66 -14.41
CA ILE B 384 3.52 -11.35 -15.27
C ILE B 384 3.34 -9.94 -15.83
N VAL B 385 4.33 -9.09 -15.61
CA VAL B 385 4.22 -7.72 -16.11
C VAL B 385 5.60 -7.14 -16.34
N GLU B 386 5.69 -6.18 -17.27
CA GLU B 386 6.96 -5.51 -17.50
C GLU B 386 7.19 -4.44 -16.43
N ASP B 387 8.45 -4.34 -15.99
CA ASP B 387 8.79 -3.48 -14.86
C ASP B 387 8.44 -2.02 -15.11
N ASP B 388 8.69 -1.51 -16.32
CA ASP B 388 8.49 -0.09 -16.56
C ASP B 388 7.03 0.29 -16.71
N TYR B 389 6.13 -0.70 -16.69
CA TYR B 389 4.70 -0.51 -16.84
C TYR B 389 3.97 -0.60 -15.52
N VAL B 390 4.68 -0.84 -14.43
CA VAL B 390 4.09 -0.99 -13.11
C VAL B 390 4.06 0.36 -12.42
N GLY B 391 2.89 0.73 -11.88
CA GLY B 391 2.83 1.89 -11.02
C GLY B 391 2.99 1.51 -9.58
N SER B 392 1.87 1.33 -8.87
CA SER B 392 1.86 0.78 -7.52
C SER B 392 1.47 -0.69 -7.57
N GLU B 393 2.30 -1.56 -6.99
CA GLU B 393 1.94 -2.99 -6.96
C GLU B 393 0.79 -3.24 -6.01
N GLU B 394 0.47 -2.27 -5.17
CA GLU B 394 -0.62 -2.42 -4.23
C GLU B 394 -1.97 -2.43 -4.93
N CYS B 395 -2.00 -2.11 -6.23
CA CYS B 395 -3.20 -2.16 -7.06
C CYS B 395 -3.58 -3.57 -7.47
N PHE B 396 -2.83 -4.58 -7.03
CA PHE B 396 -3.03 -5.96 -7.47
C PHE B 396 -3.06 -6.88 -6.26
N SER B 397 -4.14 -7.65 -6.15
CA SER B 397 -4.28 -8.69 -5.15
C SER B 397 -3.10 -9.66 -5.25
N GLU B 398 -2.62 -9.87 -6.47
CA GLU B 398 -1.56 -10.84 -6.76
C GLU B 398 -0.19 -10.21 -6.52
N THR B 399 0.83 -11.05 -6.47
CA THR B 399 2.20 -10.56 -6.38
C THR B 399 2.72 -10.30 -7.79
N LEU B 400 3.07 -9.05 -8.06
CA LEU B 400 3.52 -8.64 -9.39
C LEU B 400 4.91 -9.19 -9.67
N LEU B 401 5.03 -10.04 -10.69
CA LEU B 401 6.32 -10.50 -11.20
C LEU B 401 6.78 -9.50 -12.26
N ARG B 402 7.50 -8.47 -11.83
CA ARG B 402 7.90 -7.41 -12.76
C ARG B 402 9.08 -7.94 -13.58
N LEU B 403 8.82 -8.24 -14.85
CA LEU B 403 9.84 -8.78 -15.72
C LEU B 403 10.62 -7.62 -16.36
N PRO B 404 11.80 -7.89 -16.87
CA PRO B 404 12.56 -6.82 -17.54
C PRO B 404 11.77 -6.08 -18.61
N LYS B 405 12.18 -4.84 -18.91
CA LYS B 405 11.43 -4.04 -19.87
C LYS B 405 11.50 -4.59 -21.28
N ASP B 406 12.36 -5.58 -21.53
CA ASP B 406 12.54 -6.22 -22.83
C ASP B 406 12.01 -7.65 -22.81
N ALA B 407 11.37 -8.05 -21.72
CA ALA B 407 11.07 -9.46 -21.50
C ALA B 407 9.90 -9.94 -22.33
N LEU B 408 9.07 -9.03 -22.86
CA LEU B 408 7.99 -9.36 -23.78
C LEU B 408 8.23 -8.61 -25.08
N PRO B 409 9.12 -9.08 -25.94
CA PRO B 409 9.34 -8.41 -27.24
C PRO B 409 8.16 -8.58 -28.18
N TYR B 410 7.87 -7.51 -28.93
CA TYR B 410 6.77 -7.50 -29.87
C TYR B 410 7.19 -8.24 -31.15
N VAL B 411 6.21 -8.63 -31.96
CA VAL B 411 6.45 -9.24 -33.28
C VAL B 411 6.08 -8.20 -34.34
N PRO B 412 6.96 -7.94 -35.34
CA PRO B 412 6.71 -6.92 -36.38
C PRO B 412 5.45 -7.18 -37.20
N LYS B 419 6.87 2.51 -45.59
CA LYS B 419 7.28 3.89 -45.75
C LYS B 419 6.17 4.78 -45.24
N VAL B 420 6.53 5.88 -44.60
CA VAL B 420 5.56 6.77 -43.94
C VAL B 420 5.90 8.20 -44.33
N ASP B 421 5.20 8.73 -45.34
CA ASP B 421 5.33 10.15 -45.64
C ASP B 421 4.86 10.93 -44.43
N TYR B 422 5.60 11.96 -44.05
CA TYR B 422 5.33 12.72 -42.84
C TYR B 422 4.73 14.05 -43.22
N LEU B 423 3.78 14.52 -42.40
CA LEU B 423 3.11 15.79 -42.61
C LEU B 423 3.50 16.72 -41.47
N LEU B 424 4.43 17.64 -41.75
CA LEU B 424 4.96 18.57 -40.76
C LEU B 424 4.50 20.01 -41.08
N ARG B 425 3.26 20.35 -40.69
CA ARG B 425 2.72 21.69 -40.97
C ARG B 425 3.45 22.73 -40.14
N GLU B 426 4.02 23.76 -40.78
CA GLU B 426 4.88 24.71 -40.09
C GLU B 426 4.12 25.52 -39.04
N ASN B 427 3.11 26.28 -39.44
CA ASN B 427 2.39 27.12 -38.49
C ASN B 427 0.90 27.10 -38.78
N PRO B 428 0.23 25.95 -38.55
CA PRO B 428 -1.18 25.88 -38.91
C PRO B 428 -2.06 26.55 -37.87
N GLU B 429 -3.02 27.36 -38.33
CA GLU B 429 -3.92 28.02 -37.41
C GLU B 429 -4.70 26.98 -36.60
N VAL B 430 -5.26 26.00 -37.29
CA VAL B 430 -6.05 24.98 -36.60
C VAL B 430 -5.22 23.75 -36.29
N VAL B 431 -4.69 23.69 -35.08
CA VAL B 431 -3.91 22.54 -34.66
C VAL B 431 -4.88 21.36 -34.58
N ASN B 432 -4.69 20.37 -35.45
CA ASN B 432 -5.52 19.19 -35.44
C ASN B 432 -4.94 18.18 -34.44
N ILE B 433 -5.72 17.85 -33.40
CA ILE B 433 -5.27 16.95 -32.34
C ILE B 433 -5.93 15.59 -32.51
N GLY B 434 -5.10 14.56 -32.73
CA GLY B 434 -5.61 13.21 -32.87
C GLY B 434 -5.92 12.55 -31.53
N ILE B 435 -7.04 11.85 -31.46
CA ILE B 435 -7.36 10.99 -30.33
C ILE B 435 -7.68 9.60 -30.86
N ALA B 436 -6.88 8.62 -30.49
CA ALA B 436 -7.22 7.24 -30.80
C ALA B 436 -7.84 6.54 -29.60
N SER B 437 -9.01 7.01 -29.20
CA SER B 437 -9.65 6.52 -28.00
C SER B 437 -10.68 5.48 -28.39
N THR B 438 -11.05 4.65 -27.42
CA THR B 438 -12.15 3.70 -27.56
C THR B 438 -13.37 4.20 -26.79
N THR B 439 -14.52 3.59 -27.08
CA THR B 439 -15.75 4.00 -26.41
C THR B 439 -15.63 3.78 -24.90
N MET B 440 -15.03 2.64 -24.49
CA MET B 440 -14.85 2.34 -23.07
C MET B 440 -13.91 3.31 -22.40
N LYS B 441 -12.97 3.86 -23.15
CA LYS B 441 -11.98 4.75 -22.58
C LYS B 441 -12.48 6.17 -22.43
N LEU B 442 -13.68 6.47 -22.99
CA LEU B 442 -14.26 7.81 -22.94
C LEU B 442 -15.03 8.02 -21.64
N ASN B 443 -14.92 9.23 -21.08
CA ASN B 443 -15.50 9.50 -19.78
C ASN B 443 -15.62 11.01 -19.63
N PRO B 444 -16.38 11.48 -18.62
CA PRO B 444 -16.52 12.95 -18.46
C PRO B 444 -15.23 13.64 -18.09
N TYR B 445 -14.34 12.98 -17.34
CA TYR B 445 -13.09 13.65 -16.95
C TYR B 445 -12.21 13.93 -18.15
N PHE B 446 -12.09 12.94 -19.03
CA PHE B 446 -11.29 13.10 -20.24
C PHE B 446 -11.84 14.24 -21.10
N LEU B 447 -13.16 14.27 -21.29
CA LEU B 447 -13.76 15.25 -22.20
C LEU B 447 -13.71 16.67 -21.62
N GLU B 448 -13.74 16.80 -20.29
CA GLU B 448 -13.62 18.13 -19.70
C GLU B 448 -12.23 18.68 -19.93
N ALA B 449 -11.22 17.81 -19.85
CA ALA B 449 -9.85 18.25 -20.12
C ALA B 449 -9.71 18.67 -21.57
N LEU B 450 -10.41 17.97 -22.47
CA LEU B 450 -10.32 18.32 -23.88
C LEU B 450 -10.92 19.70 -24.12
N LYS B 451 -12.04 19.99 -23.45
CA LYS B 451 -12.62 21.32 -23.45
C LYS B 451 -11.63 22.35 -22.94
N ALA B 452 -11.04 22.10 -21.75
CA ALA B 452 -10.11 23.05 -21.15
C ALA B 452 -8.96 23.37 -22.11
N ILE B 453 -8.52 22.37 -22.87
CA ILE B 453 -7.45 22.62 -23.84
C ILE B 453 -7.94 23.58 -24.91
N ARG B 454 -9.11 23.28 -25.51
CA ARG B 454 -9.71 24.16 -26.51
C ARG B 454 -9.96 25.55 -25.96
N ASP B 455 -10.47 25.62 -24.74
CA ASP B 455 -10.90 26.85 -24.11
C ASP B 455 -9.72 27.72 -23.72
N ARG B 456 -8.61 27.09 -23.32
CA ARG B 456 -7.43 27.79 -22.83
C ARG B 456 -6.38 28.04 -23.89
N ALA B 457 -6.41 27.31 -25.02
CA ALA B 457 -5.37 27.46 -26.04
C ALA B 457 -5.40 28.85 -26.67
N LYS B 458 -4.22 29.44 -26.87
CA LYS B 458 -4.14 30.70 -27.59
C LYS B 458 -4.14 30.49 -29.08
N VAL B 459 -4.28 29.25 -29.49
CA VAL B 459 -4.34 28.90 -30.89
C VAL B 459 -5.59 28.03 -31.16
N LYS B 460 -6.18 28.19 -32.34
CA LYS B 460 -7.28 27.37 -32.83
C LYS B 460 -6.88 25.90 -32.78
N VAL B 461 -7.75 25.09 -32.19
CA VAL B 461 -7.53 23.65 -32.13
C VAL B 461 -8.80 22.87 -32.53
N HIS B 462 -8.65 21.75 -33.21
CA HIS B 462 -9.78 20.93 -33.59
C HIS B 462 -9.46 19.47 -33.34
N PHE B 463 -10.36 18.75 -32.69
CA PHE B 463 -10.10 17.36 -32.33
C PHE B 463 -10.67 16.29 -33.24
N HIS B 464 -9.81 15.47 -33.83
CA HIS B 464 -10.25 14.31 -34.61
C HIS B 464 -10.18 13.02 -33.77
N PHE B 465 -11.34 12.46 -33.39
CA PHE B 465 -11.42 11.21 -32.63
C PHE B 465 -11.54 10.00 -33.57
N ALA B 466 -10.59 9.06 -33.49
CA ALA B 466 -10.69 7.80 -34.22
C ALA B 466 -11.24 6.81 -33.20
N LEU B 467 -12.55 6.67 -33.15
CA LEU B 467 -13.19 5.93 -32.08
C LEU B 467 -13.39 4.48 -32.52
N GLY B 468 -12.78 3.57 -31.77
CA GLY B 468 -12.94 2.16 -32.05
C GLY B 468 -14.13 1.66 -31.23
N ALA B 469 -14.91 0.78 -31.84
CA ALA B 469 -16.16 0.21 -31.38
C ALA B 469 -17.31 1.21 -31.56
N SER B 470 -17.07 2.39 -32.13
CA SER B 470 -18.12 3.38 -32.38
C SER B 470 -18.70 3.11 -33.76
N ASN B 471 -19.71 2.24 -33.81
CA ASN B 471 -20.31 1.83 -35.06
C ASN B 471 -21.83 1.73 -34.92
N GLY B 472 -22.51 1.85 -36.05
CA GLY B 472 -23.95 1.71 -36.07
C GLY B 472 -24.63 2.61 -35.06
N ILE B 473 -25.46 2.00 -34.22
CA ILE B 473 -26.26 2.72 -33.22
C ILE B 473 -25.39 3.45 -32.21
N THR B 474 -24.21 2.92 -31.92
CA THR B 474 -23.37 3.55 -30.92
C THR B 474 -22.94 4.95 -31.34
N HIS B 475 -22.61 5.15 -32.62
CA HIS B 475 -21.99 6.41 -33.03
C HIS B 475 -22.83 7.67 -32.80
N PRO B 476 -24.09 7.78 -33.27
CA PRO B 476 -24.82 9.05 -33.09
C PRO B 476 -24.84 9.51 -31.64
N TYR B 477 -24.94 8.56 -30.70
CA TYR B 477 -24.89 8.85 -29.28
C TYR B 477 -23.51 9.37 -28.87
N VAL B 478 -22.45 8.70 -29.31
CA VAL B 478 -21.10 9.14 -28.98
C VAL B 478 -20.85 10.54 -29.50
N GLU B 479 -21.16 10.77 -30.76
CA GLU B 479 -20.96 12.08 -31.35
C GLU B 479 -21.62 13.09 -30.45
N ARG B 480 -22.81 12.78 -29.97
CA ARG B 480 -23.52 13.68 -29.07
C ARG B 480 -22.66 14.00 -27.86
N PHE B 481 -22.09 12.96 -27.25
CA PHE B 481 -21.24 13.17 -26.08
C PHE B 481 -20.02 14.01 -26.43
N ILE B 482 -19.38 13.70 -27.55
CA ILE B 482 -18.21 14.47 -27.96
C ILE B 482 -18.61 15.91 -28.23
N LYS B 483 -19.74 16.11 -28.88
CA LYS B 483 -20.22 17.46 -29.17
C LYS B 483 -20.54 18.20 -27.88
N SER B 484 -21.05 17.48 -26.89
CA SER B 484 -21.42 18.10 -25.63
C SER B 484 -20.21 18.81 -25.02
N TYR B 485 -19.04 18.19 -25.13
CA TYR B 485 -17.83 18.79 -24.57
C TYR B 485 -17.07 19.65 -25.58
N LEU B 486 -16.89 19.14 -26.80
CA LEU B 486 -16.12 19.87 -27.80
C LEU B 486 -16.96 20.33 -28.98
N GLY B 487 -17.98 19.56 -29.30
CA GLY B 487 -18.86 19.92 -30.40
C GLY B 487 -18.13 20.06 -31.72
N ASP B 488 -18.35 21.18 -32.40
CA ASP B 488 -17.70 21.40 -33.70
C ASP B 488 -16.20 21.39 -33.56
N SER B 489 -15.69 21.75 -32.40
CA SER B 489 -14.26 21.75 -32.16
C SER B 489 -13.74 20.33 -32.20
N ALA B 490 -14.63 19.35 -32.29
CA ALA B 490 -14.22 17.96 -32.38
C ALA B 490 -14.91 17.27 -33.55
N THR B 491 -14.39 16.12 -33.95
CA THR B 491 -15.00 15.37 -35.05
C THR B 491 -14.97 13.90 -34.71
N ALA B 492 -16.12 13.23 -34.71
CA ALA B 492 -16.13 11.84 -34.28
C ALA B 492 -16.08 10.93 -35.52
N HIS B 493 -14.94 10.31 -35.70
CA HIS B 493 -14.78 9.38 -36.77
C HIS B 493 -15.13 8.01 -36.23
N PRO B 494 -16.01 7.30 -36.92
CA PRO B 494 -16.39 5.95 -36.50
C PRO B 494 -15.26 4.94 -36.64
N HIS B 495 -15.38 3.74 -36.06
CA HIS B 495 -14.31 2.76 -36.11
C HIS B 495 -13.91 2.89 -37.49
N SER B 496 -12.60 3.07 -37.71
CA SER B 496 -12.39 3.33 -39.12
C SER B 496 -11.27 2.42 -39.62
N PRO B 497 -11.23 2.07 -40.91
CA PRO B 497 -10.30 1.01 -41.32
C PRO B 497 -8.86 1.34 -40.92
N TYR B 498 -8.07 0.30 -40.61
CA TYR B 498 -6.73 0.53 -40.07
C TYR B 498 -5.96 1.60 -40.85
N HIS B 499 -5.99 1.51 -42.18
CA HIS B 499 -5.27 2.43 -43.06
C HIS B 499 -5.97 3.76 -43.19
N GLN B 500 -7.28 3.79 -42.98
CA GLN B 500 -7.97 5.06 -42.92
C GLN B 500 -7.82 5.68 -41.54
N TYR B 501 -7.68 4.82 -40.53
CA TYR B 501 -7.39 5.28 -39.18
C TYR B 501 -6.02 5.92 -39.13
N LEU B 502 -5.07 5.35 -39.87
CA LEU B 502 -3.73 5.91 -39.91
C LEU B 502 -3.74 7.23 -40.65
N ARG B 503 -4.62 7.37 -41.63
CA ARG B 503 -4.70 8.60 -42.38
C ARG B 503 -5.36 9.70 -41.56
N ILE B 504 -6.34 9.37 -40.73
CA ILE B 504 -6.99 10.37 -39.89
C ILE B 504 -5.98 10.98 -38.94
N LEU B 505 -5.08 10.15 -38.38
CA LEU B 505 -4.04 10.63 -37.48
C LEU B 505 -2.97 11.40 -38.24
N HIS B 506 -2.53 10.84 -39.38
CA HIS B 506 -1.58 11.48 -40.30
C HIS B 506 -1.98 12.93 -40.55
N ASN B 507 -3.29 13.16 -40.60
CA ASN B 507 -3.85 14.48 -40.80
C ASN B 507 -3.57 15.41 -39.62
N CYS B 508 -3.27 14.83 -38.46
CA CYS B 508 -3.15 15.61 -37.23
C CYS B 508 -1.73 16.13 -37.02
N ASP B 509 -1.63 17.18 -36.19
CA ASP B 509 -0.38 17.86 -35.90
C ASP B 509 0.25 17.36 -34.60
N MET B 510 -0.59 16.98 -33.64
CA MET B 510 -0.21 16.42 -32.37
C MET B 510 -1.30 15.40 -32.00
N MET B 511 -1.08 14.65 -30.90
CA MET B 511 -2.06 13.68 -30.42
C MET B 511 -2.14 13.77 -28.90
N VAL B 512 -3.09 13.04 -28.31
CA VAL B 512 -3.22 13.02 -26.85
C VAL B 512 -3.69 11.65 -26.35
N ASN B 513 -3.59 11.41 -25.05
CA ASN B 513 -4.00 10.12 -24.49
C ASN B 513 -5.07 10.25 -23.40
N PRO B 514 -5.94 9.24 -23.27
CA PRO B 514 -6.99 9.28 -22.26
C PRO B 514 -6.43 9.17 -20.84
N PHE B 515 -7.19 9.58 -19.84
CA PHE B 515 -6.70 9.57 -18.46
C PHE B 515 -6.81 8.20 -17.78
N PRO B 516 -8.04 7.69 -17.58
CA PRO B 516 -8.16 6.44 -16.85
C PRO B 516 -7.57 5.27 -17.60
N PHE B 517 -7.84 5.19 -18.90
CA PHE B 517 -7.31 4.10 -19.71
C PHE B 517 -6.52 4.63 -20.88
N GLY B 518 -5.20 4.64 -20.76
CA GLY B 518 -4.36 5.10 -21.84
C GLY B 518 -4.30 4.13 -23.00
N ASN B 519 -3.76 4.57 -24.12
CA ASN B 519 -3.64 3.70 -25.29
C ASN B 519 -2.25 3.11 -25.38
N THR B 520 -2.13 1.95 -26.00
CA THR B 520 -0.82 1.32 -26.16
C THR B 520 -0.43 1.30 -27.63
N ASN B 521 -1.14 0.51 -28.42
CA ASN B 521 -0.87 0.47 -29.85
C ASN B 521 -0.95 1.89 -30.37
N GLY B 522 -1.91 2.66 -29.84
CA GLY B 522 -2.07 4.03 -30.26
C GLY B 522 -0.78 4.82 -30.14
N ILE B 523 0.06 4.44 -29.20
CA ILE B 523 1.32 5.14 -29.05
C ILE B 523 2.31 4.66 -30.11
N ILE B 524 2.40 3.34 -30.28
CA ILE B 524 3.20 2.77 -31.37
C ILE B 524 2.74 3.35 -32.70
N ASP B 525 1.43 3.51 -32.88
CA ASP B 525 0.89 4.15 -34.07
C ASP B 525 1.31 5.61 -34.15
N MET B 526 1.23 6.34 -33.04
CA MET B 526 1.58 7.74 -33.02
C MET B 526 3.01 7.98 -33.47
N VAL B 527 3.97 7.21 -32.95
CA VAL B 527 5.37 7.40 -33.30
C VAL B 527 5.62 7.01 -34.75
N THR B 528 4.89 6.00 -35.24
CA THR B 528 4.98 5.59 -36.64
C THR B 528 4.74 6.77 -37.57
N LEU B 529 3.79 7.63 -37.24
CA LEU B 529 3.49 8.80 -38.06
C LEU B 529 4.35 9.98 -37.66
N GLY B 530 5.31 9.77 -36.77
CA GLY B 530 6.15 10.84 -36.29
C GLY B 530 5.38 11.93 -35.58
N LEU B 531 4.31 11.55 -34.87
CA LEU B 531 3.51 12.49 -34.10
C LEU B 531 3.97 12.48 -32.65
N VAL B 532 3.71 13.58 -31.96
CA VAL B 532 3.98 13.71 -30.54
C VAL B 532 2.65 13.99 -29.83
N GLY B 533 2.60 13.69 -28.52
CA GLY B 533 1.38 13.87 -27.76
C GLY B 533 1.60 13.89 -26.26
N VAL B 534 0.48 14.01 -25.53
CA VAL B 534 0.49 14.16 -24.08
C VAL B 534 -0.25 12.97 -23.46
N CYS B 535 0.35 12.40 -22.42
CA CYS B 535 -0.32 11.35 -21.67
C CYS B 535 -0.38 11.68 -20.18
N LYS B 536 -1.27 10.94 -19.48
CA LYS B 536 -1.34 10.94 -18.02
C LYS B 536 -1.00 9.56 -17.47
N THR B 537 -0.14 9.55 -16.48
CA THR B 537 0.28 8.34 -15.80
C THR B 537 -0.48 8.16 -14.49
N GLY B 538 -0.31 6.98 -13.88
CA GLY B 538 -1.02 6.71 -12.64
C GLY B 538 -0.51 5.46 -11.95
N ALA B 539 -1.24 5.06 -10.91
CA ALA B 539 -0.85 3.88 -10.14
C ALA B 539 -1.15 2.59 -10.90
N GLU B 540 -2.36 2.47 -11.46
CA GLU B 540 -2.77 1.30 -12.21
C GLU B 540 -1.86 1.08 -13.42
N VAL B 541 -1.73 -0.20 -13.82
CA VAL B 541 -0.90 -0.50 -14.98
C VAL B 541 -1.48 0.17 -16.23
N HIS B 542 -2.80 0.11 -16.40
CA HIS B 542 -3.44 0.74 -17.54
C HIS B 542 -3.33 2.26 -17.51
N GLU B 543 -2.90 2.84 -16.40
CA GLU B 543 -2.50 4.23 -16.40
C GLU B 543 -1.03 4.40 -16.74
N HIS B 544 -0.21 3.45 -16.29
CA HIS B 544 1.23 3.65 -16.29
C HIS B 544 1.87 3.24 -17.62
N ILE B 545 1.23 2.30 -18.34
CA ILE B 545 1.76 1.86 -19.64
C ILE B 545 2.15 3.07 -20.48
N ASP B 546 1.24 4.03 -20.59
CA ASP B 546 1.51 5.25 -21.36
C ASP B 546 2.85 5.87 -20.94
N GLU B 547 3.10 5.99 -19.63
CA GLU B 547 4.37 6.57 -19.18
C GLU B 547 5.56 5.69 -19.58
N GLY B 548 5.50 4.40 -19.23
CA GLY B 548 6.59 3.49 -19.59
C GLY B 548 6.91 3.52 -21.07
N LEU B 549 5.87 3.48 -21.90
CA LEU B 549 6.07 3.28 -23.33
C LEU B 549 6.64 4.53 -23.99
N PHE B 550 6.16 5.71 -23.57
CA PHE B 550 6.76 6.97 -24.00
C PHE B 550 8.27 6.96 -23.76
N LYS B 551 8.68 6.58 -22.54
CA LYS B 551 10.10 6.49 -22.22
C LYS B 551 10.80 5.48 -23.12
N ARG B 552 10.14 4.36 -23.42
CA ARG B 552 10.71 3.35 -24.32
C ARG B 552 10.95 3.92 -25.71
N LEU B 553 10.08 4.80 -26.17
CA LEU B 553 10.15 5.30 -27.54
C LEU B 553 10.96 6.59 -27.66
N GLY B 554 11.38 7.17 -26.53
CA GLY B 554 12.22 8.34 -26.53
C GLY B 554 11.50 9.65 -26.35
N LEU B 555 10.17 9.63 -26.27
CA LEU B 555 9.36 10.81 -26.00
C LEU B 555 9.84 11.49 -24.72
N PRO B 556 10.00 12.82 -24.72
CA PRO B 556 10.40 13.54 -23.50
C PRO B 556 9.47 13.29 -22.33
N GLU B 557 10.03 13.45 -21.12
CA GLU B 557 9.24 13.30 -19.91
C GLU B 557 8.22 14.42 -19.67
N TRP B 558 8.32 15.56 -20.36
CA TRP B 558 7.35 16.62 -20.07
C TRP B 558 5.99 16.33 -20.69
N LEU B 559 5.94 15.39 -21.62
CA LEU B 559 4.70 14.97 -22.24
C LEU B 559 3.95 13.97 -21.40
N ILE B 560 4.45 13.64 -20.21
CA ILE B 560 3.86 12.62 -19.34
C ILE B 560 3.36 13.34 -18.09
N ALA B 561 2.05 13.46 -17.97
CA ALA B 561 1.50 14.26 -16.87
C ALA B 561 1.04 13.37 -15.72
N ASN B 562 1.11 13.92 -14.50
CA ASN B 562 0.63 13.19 -13.34
C ASN B 562 -0.79 13.60 -12.96
N THR B 563 -1.11 14.87 -13.18
CA THR B 563 -2.40 15.44 -12.84
C THR B 563 -3.14 15.86 -14.11
N VAL B 564 -4.46 16.00 -13.97
CA VAL B 564 -5.25 16.49 -15.10
C VAL B 564 -4.90 17.92 -15.42
N ASP B 565 -4.66 18.76 -14.40
CA ASP B 565 -4.31 20.15 -14.69
C ASP B 565 -3.02 20.19 -15.48
N GLU B 566 -2.06 19.32 -15.13
CA GLU B 566 -0.81 19.25 -15.87
C GLU B 566 -1.08 18.78 -17.29
N TYR B 567 -1.95 17.79 -17.45
CA TYR B 567 -2.33 17.29 -18.76
C TYR B 567 -2.81 18.41 -19.67
N VAL B 568 -3.67 19.28 -19.14
CA VAL B 568 -4.17 20.40 -19.92
C VAL B 568 -3.04 21.39 -20.23
N GLU B 569 -2.24 21.75 -19.20
CA GLU B 569 -1.08 22.63 -19.40
C GLU B 569 -0.21 22.16 -20.57
N ARG B 570 0.19 20.89 -20.53
CA ARG B 570 1.19 20.38 -21.48
C ARG B 570 0.63 20.32 -22.89
N ALA B 571 -0.64 19.89 -23.02
CA ALA B 571 -1.28 19.83 -24.33
C ALA B 571 -1.45 21.22 -24.93
N VAL B 572 -1.92 22.19 -24.13
CA VAL B 572 -2.00 23.56 -24.60
C VAL B 572 -0.63 24.04 -25.09
N ARG B 573 0.43 23.73 -24.32
CA ARG B 573 1.77 24.15 -24.70
C ARG B 573 2.18 23.51 -26.02
N LEU B 574 1.93 22.21 -26.15
CA LEU B 574 2.29 21.51 -27.37
C LEU B 574 1.52 22.10 -28.55
N ALA B 575 0.23 22.39 -28.37
CA ALA B 575 -0.56 23.03 -29.41
C ALA B 575 -0.03 24.42 -29.74
N GLU B 576 0.25 25.25 -28.72
CA GLU B 576 0.61 26.63 -28.96
C GLU B 576 1.97 26.75 -29.66
N ASN B 577 3.00 26.08 -29.15
CA ASN B 577 4.38 26.23 -29.63
C ASN B 577 4.60 25.36 -30.87
N HIS B 578 4.30 25.93 -32.05
CA HIS B 578 4.36 25.19 -33.30
C HIS B 578 5.74 24.67 -33.64
N GLN B 579 6.77 25.50 -33.51
CA GLN B 579 8.10 25.08 -33.96
C GLN B 579 8.71 24.05 -33.02
N GLU B 580 8.51 24.23 -31.72
CA GLU B 580 9.03 23.26 -30.76
C GLU B 580 8.35 21.89 -30.95
N ARG B 581 7.06 21.88 -31.29
CA ARG B 581 6.39 20.62 -31.61
C ARG B 581 7.04 19.94 -32.82
N LEU B 582 7.27 20.70 -33.89
CA LEU B 582 7.86 20.12 -35.09
C LEU B 582 9.31 19.73 -34.87
N GLU B 583 10.02 20.48 -34.04
CA GLU B 583 11.40 20.13 -33.70
C GLU B 583 11.44 18.81 -32.95
N LEU B 584 10.47 18.60 -32.06
CA LEU B 584 10.35 17.34 -31.35
C LEU B 584 9.93 16.22 -32.30
N ARG B 585 8.95 16.50 -33.17
CA ARG B 585 8.47 15.45 -34.08
C ARG B 585 9.60 14.91 -34.93
N ARG B 586 10.43 15.80 -35.48
CA ARG B 586 11.55 15.36 -36.31
C ARG B 586 12.57 14.56 -35.50
N TYR B 587 12.80 14.96 -34.25
CA TYR B 587 13.72 14.20 -33.42
C TYR B 587 13.19 12.80 -33.22
N ILE B 588 11.89 12.69 -32.99
CA ILE B 588 11.24 11.41 -32.83
C ILE B 588 11.27 10.63 -34.16
N ILE B 589 11.01 11.32 -35.27
CA ILE B 589 11.10 10.69 -36.58
C ILE B 589 12.47 10.09 -36.79
N GLU B 590 13.51 10.72 -36.24
CA GLU B 590 14.89 10.32 -36.46
C GLU B 590 15.49 9.51 -35.32
N ASN B 591 15.00 9.63 -34.08
CA ASN B 591 15.60 8.92 -32.95
C ASN B 591 14.58 8.19 -32.06
N ASN B 592 13.53 7.62 -32.65
CA ASN B 592 12.56 6.86 -31.85
C ASN B 592 13.14 5.52 -31.40
N GLY B 593 12.58 4.99 -30.32
CA GLY B 593 12.92 3.64 -29.88
C GLY B 593 11.99 2.56 -30.43
N LEU B 594 11.27 2.85 -31.53
CA LEU B 594 10.33 1.89 -32.12
C LEU B 594 10.95 0.51 -32.36
N ASN B 595 12.26 0.46 -32.65
CA ASN B 595 12.95 -0.79 -32.93
C ASN B 595 13.11 -1.63 -31.66
N THR B 596 13.39 -0.96 -30.53
CA THR B 596 13.61 -1.63 -29.26
C THR B 596 12.42 -2.49 -28.85
N LEU B 597 11.20 -2.10 -29.27
CA LEU B 597 10.02 -2.87 -28.90
C LEU B 597 10.14 -4.31 -29.36
N PHE B 598 10.81 -4.54 -30.49
CA PHE B 598 10.84 -5.85 -31.11
C PHE B 598 12.10 -6.63 -30.79
N THR B 599 13.09 -5.99 -30.18
CA THR B 599 14.28 -6.69 -29.77
C THR B 599 14.17 -6.95 -28.28
N GLY B 600 14.82 -7.99 -27.81
CA GLY B 600 14.77 -8.25 -26.40
C GLY B 600 14.90 -9.73 -26.06
N ASP B 601 14.97 -9.99 -24.77
CA ASP B 601 15.17 -11.35 -24.28
C ASP B 601 13.85 -11.88 -23.74
N PRO B 602 13.20 -12.81 -24.43
CA PRO B 602 11.89 -13.32 -23.99
C PRO B 602 11.95 -14.46 -22.99
N ARG B 603 13.15 -14.81 -22.55
CA ARG B 603 13.35 -15.94 -21.67
C ARG B 603 12.91 -15.64 -20.23
N PRO B 604 13.04 -14.39 -19.70
CA PRO B 604 12.68 -14.14 -18.29
C PRO B 604 11.38 -14.76 -17.82
N MET B 605 10.30 -14.77 -18.59
CA MET B 605 9.04 -15.28 -18.06
C MET B 605 9.08 -16.71 -17.59
N GLY B 606 9.52 -17.61 -18.46
CA GLY B 606 9.54 -19.02 -18.12
C GLY B 606 10.59 -19.39 -17.13
N GLN B 607 11.65 -18.62 -17.07
CA GLN B 607 12.67 -18.87 -16.13
C GLN B 607 12.10 -18.68 -14.76
N VAL B 608 11.21 -17.72 -14.61
CA VAL B 608 10.59 -17.46 -13.32
C VAL B 608 9.47 -18.42 -13.03
N PHE B 609 8.83 -18.97 -14.05
CA PHE B 609 7.81 -19.98 -13.80
C PHE B 609 8.45 -21.26 -13.30
N LEU B 610 9.67 -21.52 -13.74
CA LEU B 610 10.43 -22.67 -13.27
C LEU B 610 10.95 -22.50 -11.87
N GLU B 611 11.57 -21.37 -11.61
CA GLU B 611 12.14 -21.14 -10.31
C GLU B 611 11.11 -21.29 -9.23
N LYS B 612 9.89 -20.90 -9.50
CA LYS B 612 8.82 -21.04 -8.55
C LYS B 612 8.41 -22.48 -8.44
N LEU B 613 8.36 -23.18 -9.55
CA LEU B 613 7.93 -24.55 -9.51
C LEU B 613 8.92 -25.34 -8.73
N ASN B 614 10.20 -25.09 -8.98
CA ASN B 614 11.24 -25.77 -8.22
C ASN B 614 10.96 -25.59 -6.74
N ALA B 615 10.58 -24.38 -6.35
CA ALA B 615 10.25 -24.13 -4.96
C ALA B 615 9.07 -24.99 -4.56
N PHE B 616 8.05 -25.05 -5.42
CA PHE B 616 6.90 -25.89 -5.14
C PHE B 616 7.32 -27.34 -5.07
N LEU B 617 8.17 -27.76 -5.99
CA LEU B 617 8.63 -29.15 -6.01
C LEU B 617 9.40 -29.48 -4.75
N LYS B 618 10.24 -28.55 -4.30
CA LYS B 618 11.03 -28.77 -3.10
C LYS B 618 10.62 -27.81 -2.01
N GLU B 619 9.76 -28.25 -1.11
CA GLU B 619 9.30 -27.39 -0.03
C GLU B 619 8.67 -28.20 1.10
#